data_8VP8
#
_entry.id   8VP8
#
_cell.length_a   1.00
_cell.length_b   1.00
_cell.length_c   1.00
_cell.angle_alpha   90.00
_cell.angle_beta   90.00
_cell.angle_gamma   90.00
#
_symmetry.space_group_name_H-M   'P 1'
#
loop_
_entity.id
_entity.type
_entity.pdbx_description
1 polymer 'ABC-type bacteriocin transporter'
2 non-polymer "ADENOSINE-5'-TRIPHOSPHATE"
#
_entity_poly.entity_id   1
_entity_poly.type   'polypeptide(L)'
_entity_poly.pdbx_seq_one_letter_code
;MGHHHHHHHHHHSSGHIDDDDKHMLRRLFKKKYVCVRQYDLTDCGAACLSSIAQYYGLKMSLAKIREMTGTDTQGTNAYG
LIHAAKQLGFSAKGVKASKEDLLKDFRLPAIANVIVDNRLAHFVVIYSIKNRIITVADPGKGIVRYSMDDFCSIWTGGLV
LLEPGEAFQKGDYTQNMMVKFAGFLKPLKKTVLCIFLASLLYTALGIAGSFYIKFLFDDLIKFEKLNDLHIISAGFAVIF
LLQIFLNYYRSILVTKLGMSIDKSIMMEYYSHVLKLPMNFFNSRKVGEIISRFMDASKIRQAISGATLTIMIDTIMAVIG
GILLYIQNSSLFFISFIIILLYGIIVTVFNKPIQNANRQIMEDNAKLTSALVESVKGIETIKSFGAEEQTEKSTRDKIET
VMKSSFKEGMLYINLSSLTGIVAGLGGIVILWAGAYNVIKGNMSGGQLLAFNALLAYFLTPVKNLIDLQPLIQTAVVASN
RLGEILELATEKELREDSDDFVISLKGDIEFRNVDFRYGLRKPVLKNINLTIPKGKTVAIVGESGSGKTTLAKLLMNFYS
PEKGDILINGHSIKNISLELIRKKIAFVSQDVFIFSGTVKENLCLGNENVDMDEIIKAAKMANAHDFIEKLPLKYDTFLN
ESGANLSEGQKQRLAIARALLKKPDILILDEATSNLDSITENHIKDAIYGLEDDVTVIIIAHRLSTIVNCDKIYLLKDGE
IVESGSHTELIALKGCYFKMWKQTENTLAS
;
_entity_poly.pdbx_strand_id   A,B
#
loop_
_chem_comp.id
_chem_comp.type
_chem_comp.name
_chem_comp.formula
ATP non-polymer ADENOSINE-5'-TRIPHOSPHATE 'C10 H16 N5 O13 P3'
#
# COMPACT_ATOMS: atom_id res chain seq x y z
N MET A 178 22.42 8.76 10.22
CA MET A 178 23.59 8.67 9.36
C MET A 178 23.22 8.93 7.90
N VAL A 179 24.01 8.37 6.99
CA VAL A 179 23.80 8.50 5.55
C VAL A 179 23.49 7.12 4.98
N LYS A 180 22.38 7.02 4.25
CA LYS A 180 21.96 5.75 3.65
C LYS A 180 22.55 5.62 2.25
N PHE A 181 23.87 5.54 2.21
CA PHE A 181 24.58 5.30 0.96
C PHE A 181 24.58 3.81 0.65
N ALA A 182 24.13 3.46 -0.55
CA ALA A 182 23.98 2.06 -0.94
C ALA A 182 25.36 1.47 -1.21
N GLY A 183 25.86 0.69 -0.27
CA GLY A 183 27.11 -0.03 -0.44
C GLY A 183 26.97 -1.36 -1.13
N PHE A 184 25.79 -1.65 -1.67
CA PHE A 184 25.55 -2.91 -2.37
C PHE A 184 26.25 -2.99 -3.71
N LEU A 185 26.85 -1.89 -4.19
CA LEU A 185 27.53 -1.89 -5.47
C LEU A 185 28.94 -2.48 -5.39
N LYS A 186 29.46 -2.70 -4.18
CA LYS A 186 30.79 -3.27 -4.04
C LYS A 186 30.93 -4.64 -4.71
N PRO A 187 29.98 -5.58 -4.59
CA PRO A 187 30.05 -6.79 -5.41
C PRO A 187 29.74 -6.56 -6.88
N LEU A 188 29.27 -5.37 -7.25
CA LEU A 188 28.91 -5.05 -8.63
C LEU A 188 29.96 -4.17 -9.31
N LYS A 189 31.24 -4.41 -9.04
CA LYS A 189 32.28 -3.53 -9.58
C LYS A 189 32.43 -3.71 -11.08
N LYS A 190 32.39 -4.95 -11.57
CA LYS A 190 32.56 -5.20 -13.00
C LYS A 190 31.44 -4.57 -13.82
N THR A 191 30.20 -4.68 -13.33
CA THR A 191 29.07 -4.12 -14.06
C THR A 191 29.19 -2.62 -14.21
N VAL A 192 29.60 -1.93 -13.13
CA VAL A 192 29.71 -0.47 -13.19
C VAL A 192 30.80 -0.05 -14.19
N LEU A 193 31.92 -0.76 -14.20
CA LEU A 193 32.97 -0.44 -15.16
C LEU A 193 32.51 -0.69 -16.59
N CYS A 194 31.80 -1.80 -16.82
CA CYS A 194 31.29 -2.05 -18.16
C CYS A 194 30.33 -0.94 -18.60
N ILE A 195 29.44 -0.52 -17.70
CA ILE A 195 28.49 0.54 -18.04
C ILE A 195 29.23 1.84 -18.35
N PHE A 196 30.21 2.19 -17.52
CA PHE A 196 30.93 3.45 -17.72
C PHE A 196 31.70 3.45 -19.03
N LEU A 197 32.37 2.34 -19.35
CA LEU A 197 33.10 2.29 -20.61
C LEU A 197 32.16 2.33 -21.81
N ALA A 198 31.04 1.61 -21.74
CA ALA A 198 30.06 1.65 -22.83
C ALA A 198 29.52 3.07 -23.02
N SER A 199 29.23 3.77 -21.91
CA SER A 199 28.76 5.14 -22.00
C SER A 199 29.82 6.07 -22.58
N LEU A 200 31.08 5.86 -22.19
CA LEU A 200 32.15 6.69 -22.74
C LEU A 200 32.26 6.52 -24.24
N LEU A 201 32.26 5.28 -24.72
CA LEU A 201 32.35 5.08 -26.16
C LEU A 201 31.10 5.58 -26.86
N TYR A 202 29.94 5.47 -26.21
CA TYR A 202 28.70 5.97 -26.80
C TYR A 202 28.74 7.49 -26.97
N THR A 203 29.18 8.21 -25.94
CA THR A 203 29.28 9.66 -26.06
C THR A 203 30.35 10.06 -27.07
N ALA A 204 31.45 9.30 -27.13
CA ALA A 204 32.48 9.58 -28.13
C ALA A 204 31.92 9.45 -29.54
N LEU A 205 31.19 8.37 -29.82
CA LEU A 205 30.56 8.23 -31.12
C LEU A 205 29.51 9.31 -31.37
N GLY A 206 28.80 9.73 -30.32
CA GLY A 206 27.82 10.79 -30.50
C GLY A 206 28.45 12.10 -30.93
N ILE A 207 29.53 12.50 -30.26
CA ILE A 207 30.22 13.73 -30.63
C ILE A 207 30.86 13.59 -32.00
N ALA A 208 31.38 12.40 -32.33
CA ALA A 208 31.94 12.18 -33.66
C ALA A 208 30.87 12.33 -34.74
N GLY A 209 29.68 11.79 -34.49
CA GLY A 209 28.58 11.91 -35.44
C GLY A 209 27.89 13.25 -35.44
N SER A 210 28.17 14.10 -34.45
CA SER A 210 27.60 15.43 -34.38
C SER A 210 28.30 16.45 -35.29
N PHE A 211 29.12 16.00 -36.24
CA PHE A 211 29.71 16.86 -37.25
C PHE A 211 29.07 16.68 -38.62
N TYR A 212 27.97 15.92 -38.68
CA TYR A 212 27.34 15.65 -39.97
C TYR A 212 26.83 16.91 -40.62
N ILE A 213 26.20 17.79 -39.85
CA ILE A 213 25.64 19.00 -40.44
C ILE A 213 26.74 19.95 -40.88
N LYS A 214 27.87 19.98 -40.17
CA LYS A 214 29.02 20.76 -40.62
C LYS A 214 29.53 20.21 -41.95
N PHE A 215 29.65 18.89 -42.06
CA PHE A 215 30.09 18.29 -43.30
C PHE A 215 29.14 18.62 -44.44
N LEU A 216 27.84 18.61 -44.15
CA LEU A 216 26.84 18.98 -45.16
C LEU A 216 27.04 20.40 -45.63
N PHE A 217 26.90 21.37 -44.72
CA PHE A 217 26.80 22.76 -45.14
C PHE A 217 28.14 23.30 -45.62
N ASP A 218 29.23 23.04 -44.90
CA ASP A 218 30.50 23.66 -45.27
C ASP A 218 31.17 22.98 -46.46
N ASP A 219 31.02 21.69 -46.63
CA ASP A 219 31.85 21.05 -47.64
C ASP A 219 31.06 20.26 -48.68
N LEU A 220 29.93 19.68 -48.30
CA LEU A 220 29.25 18.77 -49.21
C LEU A 220 28.41 19.51 -50.26
N ILE A 221 27.55 20.43 -49.82
CA ILE A 221 26.68 21.11 -50.77
C ILE A 221 27.22 22.49 -51.15
N LYS A 222 27.96 23.17 -50.27
CA LYS A 222 28.49 24.48 -50.60
C LYS A 222 29.56 24.39 -51.69
N PHE A 223 30.15 23.21 -51.88
CA PHE A 223 31.08 22.98 -52.97
C PHE A 223 30.43 22.28 -54.16
N GLU A 224 29.14 21.97 -54.06
CA GLU A 224 28.40 21.30 -55.14
C GLU A 224 29.11 20.02 -55.56
N LYS A 225 29.20 19.08 -54.63
CA LYS A 225 29.86 17.79 -54.87
C LYS A 225 28.91 16.67 -54.44
N LEU A 226 28.42 15.92 -55.42
CA LEU A 226 27.60 14.75 -55.17
C LEU A 226 28.46 13.48 -55.23
N ASN A 227 27.80 12.34 -55.09
CA ASN A 227 28.39 11.00 -55.12
C ASN A 227 29.29 10.72 -53.92
N ASP A 228 29.52 11.70 -53.05
CA ASP A 228 30.19 11.48 -51.78
C ASP A 228 29.31 11.80 -50.59
N LEU A 229 28.28 12.62 -50.78
CA LEU A 229 27.28 12.82 -49.73
C LEU A 229 26.64 11.51 -49.33
N HIS A 230 26.41 10.62 -50.31
CA HIS A 230 25.85 9.31 -49.98
C HIS A 230 26.79 8.51 -49.10
N ILE A 231 28.09 8.54 -49.39
CA ILE A 231 29.06 7.81 -48.57
C ILE A 231 29.11 8.38 -47.16
N ILE A 232 29.12 9.72 -47.05
CA ILE A 232 29.17 10.34 -45.73
C ILE A 232 27.91 10.01 -44.93
N SER A 233 26.75 10.05 -45.58
CA SER A 233 25.50 9.72 -44.91
C SER A 233 25.48 8.28 -44.46
N ALA A 234 25.97 7.35 -45.29
CA ALA A 234 26.04 5.96 -44.89
C ALA A 234 26.97 5.78 -43.70
N GLY A 235 28.11 6.46 -43.71
CA GLY A 235 29.03 6.35 -42.59
C GLY A 235 28.42 6.86 -41.29
N PHE A 236 27.72 7.98 -41.35
CA PHE A 236 27.09 8.51 -40.14
C PHE A 236 25.92 7.65 -39.69
N ALA A 237 25.21 7.02 -40.63
CA ALA A 237 24.18 6.06 -40.25
C ALA A 237 24.79 4.88 -39.52
N VAL A 238 25.94 4.40 -40.00
CA VAL A 238 26.64 3.32 -39.31
C VAL A 238 27.06 3.74 -37.91
N ILE A 239 27.56 4.98 -37.77
CA ILE A 239 27.95 5.48 -36.46
C ILE A 239 26.75 5.52 -35.52
N PHE A 240 25.60 5.98 -36.02
CA PHE A 240 24.43 6.04 -35.15
C PHE A 240 23.92 4.65 -34.80
N LEU A 241 24.01 3.71 -35.73
CA LEU A 241 23.63 2.34 -35.41
C LEU A 241 24.52 1.77 -34.31
N LEU A 242 25.83 2.08 -34.36
CA LEU A 242 26.71 1.65 -33.28
C LEU A 242 26.33 2.32 -31.96
N GLN A 243 25.93 3.60 -32.01
CA GLN A 243 25.49 4.28 -30.79
C GLN A 243 24.28 3.57 -30.19
N ILE A 244 23.33 3.18 -31.03
CA ILE A 244 22.15 2.48 -30.52
C ILE A 244 22.52 1.11 -29.98
N PHE A 245 23.44 0.41 -30.66
CA PHE A 245 23.87 -0.90 -30.19
C PHE A 245 24.51 -0.79 -28.81
N LEU A 246 25.32 0.24 -28.59
CA LEU A 246 25.94 0.40 -27.29
C LEU A 246 25.03 1.05 -26.26
N ASN A 247 23.90 1.63 -26.66
CA ASN A 247 22.92 2.08 -25.68
C ASN A 247 21.89 1.02 -25.36
N TYR A 248 21.81 -0.06 -26.15
CA TYR A 248 21.00 -1.21 -25.80
C TYR A 248 21.65 -2.08 -24.73
N TYR A 249 22.94 -1.89 -24.47
CA TYR A 249 23.72 -2.69 -23.54
C TYR A 249 23.78 -2.05 -22.14
N ARG A 250 24.15 -0.77 -22.09
CA ARG A 250 24.24 -0.09 -20.81
C ARG A 250 22.88 0.02 -20.14
N SER A 251 21.80 0.13 -20.92
CA SER A 251 20.47 0.17 -20.33
C SER A 251 20.14 -1.13 -19.62
N ILE A 252 20.45 -2.26 -20.25
CA ILE A 252 20.22 -3.56 -19.63
C ILE A 252 21.03 -3.69 -18.35
N LEU A 253 22.30 -3.31 -18.41
CA LEU A 253 23.16 -3.43 -17.23
C LEU A 253 22.68 -2.54 -16.09
N VAL A 254 22.25 -1.31 -16.41
CA VAL A 254 21.77 -0.41 -15.36
C VAL A 254 20.46 -0.93 -14.77
N THR A 255 19.60 -1.52 -15.59
CA THR A 255 18.37 -2.11 -15.06
C THR A 255 18.69 -3.27 -14.11
N LYS A 256 19.65 -4.11 -14.48
CA LYS A 256 20.04 -5.20 -13.58
C LYS A 256 20.59 -4.65 -12.26
N LEU A 257 21.41 -3.61 -12.33
CA LEU A 257 21.94 -3.00 -11.12
C LEU A 257 20.83 -2.43 -10.25
N GLY A 258 19.86 -1.78 -10.86
CA GLY A 258 18.74 -1.24 -10.11
C GLY A 258 17.92 -2.32 -9.41
N MET A 259 17.66 -3.42 -10.12
CA MET A 259 16.99 -4.56 -9.50
C MET A 259 17.77 -5.07 -8.29
N SER A 260 19.08 -5.28 -8.47
CA SER A 260 19.90 -5.85 -7.41
C SER A 260 20.03 -4.93 -6.21
N ILE A 261 19.89 -3.62 -6.39
CA ILE A 261 19.88 -2.69 -5.27
C ILE A 261 18.52 -2.64 -4.58
N ASP A 262 17.44 -2.58 -5.37
CA ASP A 262 16.11 -2.44 -4.80
C ASP A 262 15.72 -3.67 -3.98
N LYS A 263 15.99 -4.86 -4.51
CA LYS A 263 15.64 -6.07 -3.76
C LYS A 263 16.39 -6.12 -2.43
N SER A 264 17.68 -5.78 -2.47
CA SER A 264 18.49 -5.83 -1.25
C SER A 264 17.99 -4.83 -0.22
N ILE A 265 17.65 -3.62 -0.63
CA ILE A 265 17.21 -2.63 0.35
C ILE A 265 15.85 -3.01 0.92
N MET A 266 14.94 -3.52 0.09
CA MET A 266 13.65 -3.96 0.62
C MET A 266 13.83 -5.10 1.62
N MET A 267 14.69 -6.07 1.31
CA MET A 267 14.92 -7.18 2.23
C MET A 267 15.53 -6.70 3.55
N GLU A 268 16.49 -5.77 3.47
CA GLU A 268 17.05 -5.19 4.69
C GLU A 268 15.93 -4.59 5.55
N TYR A 269 15.06 -3.78 4.94
CA TYR A 269 14.02 -3.12 5.70
C TYR A 269 13.04 -4.13 6.30
N TYR A 270 12.66 -5.14 5.53
CA TYR A 270 11.69 -6.11 6.01
C TYR A 270 12.26 -6.94 7.16
N SER A 271 13.51 -7.38 7.03
CA SER A 271 14.12 -8.13 8.13
C SER A 271 14.21 -7.26 9.38
N HIS A 272 14.63 -6.01 9.23
CA HIS A 272 14.75 -5.16 10.41
C HIS A 272 13.40 -4.92 11.08
N VAL A 273 12.34 -4.69 10.29
CA VAL A 273 11.04 -4.44 10.90
C VAL A 273 10.51 -5.71 11.56
N LEU A 274 10.76 -6.87 10.95
CA LEU A 274 10.34 -8.13 11.58
C LEU A 274 11.12 -8.42 12.86
N LYS A 275 12.30 -7.85 13.03
CA LYS A 275 13.07 -8.06 14.25
C LYS A 275 12.98 -6.88 15.23
N LEU A 276 12.06 -5.95 15.01
CA LEU A 276 11.88 -4.82 15.92
C LEU A 276 11.16 -5.25 17.19
N PRO A 277 11.28 -4.47 18.29
CA PRO A 277 10.63 -4.86 19.54
C PRO A 277 9.12 -4.74 19.47
N MET A 278 8.43 -4.93 20.59
CA MET A 278 6.98 -4.91 20.60
C MET A 278 6.40 -3.53 20.90
N ASN A 279 7.15 -2.69 21.60
CA ASN A 279 6.69 -1.33 21.84
C ASN A 279 6.49 -0.59 20.52
N PHE A 280 7.38 -0.83 19.56
CA PHE A 280 7.22 -0.21 18.24
C PHE A 280 5.92 -0.67 17.58
N PHE A 281 5.63 -1.96 17.65
CA PHE A 281 4.44 -2.48 16.99
C PHE A 281 3.15 -2.09 17.69
N ASN A 282 3.20 -1.78 18.98
CA ASN A 282 2.02 -1.31 19.70
C ASN A 282 1.88 0.21 19.70
N SER A 283 2.93 0.94 19.35
CA SER A 283 2.89 2.39 19.29
C SER A 283 2.81 2.94 17.86
N ARG A 284 2.56 2.07 16.88
CA ARG A 284 2.46 2.48 15.49
C ARG A 284 1.29 1.77 14.83
N LYS A 285 0.86 2.31 13.69
CA LYS A 285 -0.23 1.74 12.91
C LYS A 285 0.33 0.90 11.78
N VAL A 286 -0.41 -0.15 11.42
CA VAL A 286 0.02 -1.03 10.33
C VAL A 286 0.19 -0.24 9.05
N GLY A 287 -0.62 0.80 8.85
CA GLY A 287 -0.53 1.59 7.63
C GLY A 287 0.82 2.24 7.46
N GLU A 288 1.40 2.76 8.54
CA GLU A 288 2.69 3.43 8.44
C GLU A 288 3.77 2.47 7.96
N ILE A 289 3.83 1.27 8.54
CA ILE A 289 4.84 0.29 8.14
C ILE A 289 4.61 -0.16 6.69
N ILE A 290 3.37 -0.49 6.35
CA ILE A 290 3.13 -1.01 5.00
C ILE A 290 3.41 0.06 3.95
N SER A 291 3.09 1.32 4.25
CA SER A 291 3.35 2.40 3.31
C SER A 291 4.84 2.70 3.22
N ARG A 292 5.56 2.62 4.33
CA ARG A 292 7.01 2.83 4.28
C ARG A 292 7.67 1.76 3.42
N PHE A 293 7.18 0.53 3.49
CA PHE A 293 7.69 -0.50 2.60
C PHE A 293 7.31 -0.21 1.15
N MET A 294 6.02 0.07 0.90
CA MET A 294 5.55 0.27 -0.47
C MET A 294 6.12 1.52 -1.11
N ASP A 295 6.75 2.41 -0.33
CA ASP A 295 7.52 3.49 -0.92
C ASP A 295 8.90 2.97 -1.33
N ALA A 296 8.91 1.87 -2.06
CA ALA A 296 10.12 1.30 -2.63
C ALA A 296 10.03 1.15 -4.14
N SER A 297 8.88 1.46 -4.74
CA SER A 297 8.83 1.69 -6.17
C SER A 297 9.69 2.89 -6.53
N LYS A 298 9.65 3.93 -5.70
CA LYS A 298 10.64 4.99 -5.73
C LYS A 298 11.99 4.41 -5.33
N ILE A 299 13.05 5.23 -5.36
CA ILE A 299 14.43 4.75 -5.24
C ILE A 299 14.74 3.85 -6.43
N ARG A 300 13.94 2.80 -6.63
CA ARG A 300 14.10 1.98 -7.83
C ARG A 300 13.83 2.79 -9.09
N GLN A 301 12.77 3.61 -9.07
CA GLN A 301 12.48 4.46 -10.22
C GLN A 301 13.54 5.54 -10.42
N ALA A 302 14.29 5.88 -9.38
CA ALA A 302 15.38 6.84 -9.50
C ALA A 302 16.73 6.18 -9.79
N ILE A 303 16.76 4.85 -9.85
CA ILE A 303 17.96 4.13 -10.27
C ILE A 303 17.68 3.24 -11.48
N SER A 304 16.57 3.51 -12.17
CA SER A 304 16.26 2.77 -13.39
C SER A 304 17.23 3.18 -14.50
N GLY A 305 17.03 2.61 -15.68
CA GLY A 305 17.93 2.84 -16.79
C GLY A 305 18.10 4.29 -17.17
N ALA A 306 17.00 4.93 -17.56
CA ALA A 306 17.07 6.32 -18.03
C ALA A 306 17.58 7.25 -16.95
N THR A 307 17.08 7.08 -15.71
CA THR A 307 17.34 8.04 -14.65
C THR A 307 18.82 8.13 -14.29
N LEU A 308 19.56 7.01 -14.36
CA LEU A 308 20.97 7.00 -14.00
C LEU A 308 21.88 7.14 -15.22
N THR A 309 21.45 6.61 -16.37
CA THR A 309 22.18 6.89 -17.60
C THR A 309 22.17 8.38 -17.91
N ILE A 310 21.15 9.11 -17.45
CA ILE A 310 21.15 10.56 -17.65
C ILE A 310 22.22 11.24 -16.80
N MET A 311 22.45 10.77 -15.57
CA MET A 311 23.54 11.32 -14.76
C MET A 311 24.90 11.00 -15.40
N ILE A 312 25.06 9.77 -15.88
CA ILE A 312 26.32 9.42 -16.54
C ILE A 312 26.51 10.30 -17.77
N ASP A 313 25.44 10.54 -18.53
CA ASP A 313 25.53 11.43 -19.68
C ASP A 313 25.75 12.87 -19.28
N THR A 314 25.38 13.25 -18.06
CA THR A 314 25.72 14.58 -17.56
C THR A 314 27.23 14.71 -17.36
N ILE A 315 27.86 13.67 -16.82
CA ILE A 315 29.32 13.65 -16.76
C ILE A 315 29.92 13.70 -18.16
N MET A 316 29.34 12.90 -19.07
CA MET A 316 29.82 12.89 -20.45
C MET A 316 29.60 14.25 -21.10
N ALA A 317 28.59 15.00 -20.65
CA ALA A 317 28.34 16.34 -21.13
C ALA A 317 29.38 17.32 -20.60
N VAL A 318 29.87 17.11 -19.38
CA VAL A 318 31.01 17.89 -18.91
C VAL A 318 32.20 17.66 -19.85
N ILE A 319 32.43 16.41 -20.23
CA ILE A 319 33.50 16.11 -21.19
C ILE A 319 33.24 16.82 -22.53
N GLY A 320 32.01 16.72 -23.02
CA GLY A 320 31.68 17.37 -24.27
C GLY A 320 31.83 18.88 -24.22
N GLY A 321 31.54 19.49 -23.07
CA GLY A 321 31.74 20.92 -22.92
C GLY A 321 33.20 21.32 -22.90
N ILE A 322 34.04 20.51 -22.24
CA ILE A 322 35.47 20.83 -22.28
C ILE A 322 35.99 20.69 -23.71
N LEU A 323 35.37 19.80 -24.50
CA LEU A 323 35.65 19.80 -25.94
C LEU A 323 35.11 21.06 -26.60
N LEU A 324 33.92 21.50 -26.21
CA LEU A 324 33.26 22.65 -26.83
C LEU A 324 34.06 23.93 -26.67
N TYR A 325 34.82 24.04 -25.57
CA TYR A 325 35.57 25.27 -25.35
C TYR A 325 36.50 25.58 -26.51
N ILE A 326 37.13 24.54 -27.08
CA ILE A 326 38.02 24.77 -28.22
C ILE A 326 37.22 25.25 -29.43
N GLN A 327 36.08 24.61 -29.70
CA GLN A 327 35.22 24.99 -30.82
C GLN A 327 34.48 26.27 -30.44
N ASN A 328 35.10 27.40 -30.76
CA ASN A 328 34.60 28.74 -30.47
C ASN A 328 34.60 29.02 -28.97
N SER A 329 34.77 30.29 -28.59
CA SER A 329 34.96 30.67 -27.19
C SER A 329 33.76 31.39 -26.59
N SER A 330 33.24 32.42 -27.26
CA SER A 330 32.16 33.21 -26.67
C SER A 330 30.91 32.37 -26.47
N LEU A 331 30.59 31.51 -27.44
CA LEU A 331 29.41 30.66 -27.30
C LEU A 331 29.56 29.68 -26.15
N PHE A 332 30.77 29.18 -25.91
CA PHE A 332 30.99 28.35 -24.72
C PHE A 332 30.78 29.16 -23.45
N PHE A 333 31.15 30.44 -23.46
CA PHE A 333 30.87 31.28 -22.30
C PHE A 333 29.38 31.42 -22.06
N ILE A 334 28.60 31.58 -23.14
CA ILE A 334 27.16 31.67 -23.00
C ILE A 334 26.59 30.35 -22.48
N SER A 335 27.12 29.23 -22.95
CA SER A 335 26.68 27.93 -22.44
C SER A 335 27.01 27.78 -20.96
N PHE A 336 28.17 28.25 -20.55
CA PHE A 336 28.52 28.22 -19.13
C PHE A 336 27.57 29.08 -18.31
N ILE A 337 27.18 30.23 -18.85
CA ILE A 337 26.20 31.07 -18.15
C ILE A 337 24.87 30.35 -18.03
N ILE A 338 24.48 29.61 -19.07
CA ILE A 338 23.25 28.82 -19.00
C ILE A 338 23.35 27.76 -17.91
N ILE A 339 24.52 27.11 -17.80
CA ILE A 339 24.72 26.13 -16.73
C ILE A 339 24.64 26.79 -15.36
N LEU A 340 25.20 27.99 -15.22
CA LEU A 340 25.09 28.70 -13.96
C LEU A 340 23.64 29.01 -13.62
N LEU A 341 22.86 29.41 -14.61
CA LEU A 341 21.44 29.68 -14.38
C LEU A 341 20.70 28.42 -13.96
N TYR A 342 20.98 27.29 -14.62
CA TYR A 342 20.41 26.02 -14.18
C TYR A 342 20.78 25.70 -12.74
N GLY A 343 22.05 25.91 -12.38
CA GLY A 343 22.47 25.62 -11.02
C GLY A 343 21.75 26.47 -10.00
N ILE A 344 21.60 27.77 -10.28
CA ILE A 344 20.88 28.64 -9.36
C ILE A 344 19.43 28.20 -9.25
N ILE A 345 18.81 27.84 -10.38
CA ILE A 345 17.41 27.44 -10.35
C ILE A 345 17.22 26.18 -9.52
N VAL A 346 18.11 25.20 -9.68
CA VAL A 346 18.00 23.97 -8.89
C VAL A 346 18.25 24.24 -7.42
N THR A 347 19.26 25.05 -7.10
CA THR A 347 19.57 25.34 -5.71
C THR A 347 18.42 26.04 -5.01
N VAL A 348 17.80 27.02 -5.68
CA VAL A 348 16.68 27.74 -5.05
C VAL A 348 15.51 26.82 -4.81
N PHE A 349 15.25 25.87 -5.71
CA PHE A 349 14.18 24.89 -5.55
C PHE A 349 14.69 23.57 -4.99
N ASN A 350 15.64 23.61 -4.06
CA ASN A 350 16.09 22.39 -3.41
C ASN A 350 15.10 21.94 -2.33
N LYS A 351 14.90 22.79 -1.32
CA LYS A 351 14.02 22.41 -0.20
C LYS A 351 12.56 22.22 -0.60
N PRO A 352 11.90 23.14 -1.33
CA PRO A 352 10.44 23.02 -1.49
C PRO A 352 9.97 21.69 -2.06
N ILE A 353 10.64 21.13 -3.06
CA ILE A 353 10.22 19.83 -3.56
C ILE A 353 10.41 18.75 -2.50
N GLN A 354 11.49 18.85 -1.73
CA GLN A 354 11.72 17.88 -0.65
C GLN A 354 10.60 17.93 0.38
N ASN A 355 10.24 19.12 0.84
CA ASN A 355 9.20 19.25 1.85
C ASN A 355 7.84 18.85 1.30
N ALA A 356 7.54 19.20 0.05
CA ALA A 356 6.27 18.81 -0.55
C ALA A 356 6.18 17.29 -0.67
N ASN A 357 7.27 16.64 -1.08
CA ASN A 357 7.27 15.18 -1.15
C ASN A 357 7.10 14.56 0.23
N ARG A 358 7.77 15.12 1.24
CA ARG A 358 7.63 14.60 2.59
C ARG A 358 6.20 14.69 3.08
N GLN A 359 5.55 15.84 2.86
CA GLN A 359 4.19 16.01 3.36
C GLN A 359 3.19 15.15 2.60
N ILE A 360 3.35 15.02 1.27
CA ILE A 360 2.44 14.15 0.54
C ILE A 360 2.63 12.71 0.96
N MET A 361 3.88 12.31 1.26
CA MET A 361 4.11 10.94 1.72
C MET A 361 3.49 10.71 3.10
N GLU A 362 3.61 11.68 4.00
CA GLU A 362 2.99 11.55 5.31
C GLU A 362 1.48 11.43 5.20
N ASP A 363 0.85 12.28 4.38
CA ASP A 363 -0.59 12.23 4.23
C ASP A 363 -1.04 10.95 3.56
N ASN A 364 -0.26 10.45 2.60
CA ASN A 364 -0.59 9.18 1.97
C ASN A 364 -0.46 8.03 2.95
N ALA A 365 0.52 8.09 3.86
CA ALA A 365 0.65 7.07 4.88
C ALA A 365 -0.55 7.08 5.83
N LYS A 366 -0.98 8.27 6.24
CA LYS A 366 -2.17 8.36 7.09
C LYS A 366 -3.40 7.80 6.39
N LEU A 367 -3.57 8.13 5.11
CA LEU A 367 -4.69 7.60 4.34
C LEU A 367 -4.61 6.08 4.23
N THR A 368 -3.41 5.54 3.99
CA THR A 368 -3.26 4.09 3.88
C THR A 368 -3.61 3.41 5.20
N SER A 369 -3.21 3.99 6.32
CA SER A 369 -3.59 3.43 7.61
C SER A 369 -5.11 3.47 7.78
N ALA A 370 -5.75 4.55 7.34
CA ALA A 370 -7.20 4.64 7.44
C ALA A 370 -7.89 3.52 6.64
N LEU A 371 -7.47 3.32 5.40
CA LEU A 371 -8.07 2.23 4.62
C LEU A 371 -7.75 0.86 5.21
N VAL A 372 -6.54 0.67 5.72
CA VAL A 372 -6.19 -0.62 6.30
C VAL A 372 -7.10 -0.93 7.48
N GLU A 373 -7.31 0.05 8.35
CA GLU A 373 -8.20 -0.16 9.49
C GLU A 373 -9.64 -0.39 9.03
N SER A 374 -10.12 0.41 8.08
CA SER A 374 -11.52 0.31 7.67
C SER A 374 -11.82 -1.02 7.00
N VAL A 375 -10.92 -1.50 6.14
CA VAL A 375 -11.15 -2.76 5.45
C VAL A 375 -10.85 -3.96 6.35
N LYS A 376 -9.89 -3.83 7.28
CA LYS A 376 -9.60 -4.92 8.20
C LYS A 376 -10.80 -5.24 9.06
N GLY A 377 -11.23 -4.30 9.89
CA GLY A 377 -12.44 -4.48 10.66
C GLY A 377 -13.61 -3.79 10.01
N ILE A 378 -14.43 -4.56 9.28
CA ILE A 378 -15.62 -4.02 8.62
C ILE A 378 -16.89 -4.64 9.15
N GLU A 379 -16.82 -5.65 10.00
CA GLU A 379 -18.01 -6.14 10.67
C GLU A 379 -18.64 -5.06 11.52
N THR A 380 -17.82 -4.28 12.24
CA THR A 380 -18.35 -3.21 13.07
C THR A 380 -18.97 -2.09 12.23
N ILE A 381 -18.29 -1.69 11.16
CA ILE A 381 -18.80 -0.63 10.30
C ILE A 381 -20.10 -1.06 9.63
N LYS A 382 -20.10 -2.24 9.00
CA LYS A 382 -21.30 -2.73 8.34
C LYS A 382 -22.36 -3.18 9.33
N SER A 383 -22.03 -3.24 10.62
CA SER A 383 -22.97 -3.63 11.66
C SER A 383 -23.65 -2.45 12.33
N PHE A 384 -22.95 -1.34 12.50
CA PHE A 384 -23.51 -0.15 13.12
C PHE A 384 -24.00 0.88 12.12
N GLY A 385 -23.98 0.55 10.83
CA GLY A 385 -24.42 1.49 9.82
C GLY A 385 -23.59 2.76 9.76
N ALA A 386 -22.27 2.63 9.87
CA ALA A 386 -21.37 3.77 9.88
C ALA A 386 -20.57 3.90 8.60
N GLU A 387 -21.14 3.48 7.47
CA GLU A 387 -20.46 3.66 6.19
C GLU A 387 -20.33 5.14 5.85
N GLU A 388 -21.36 5.94 6.15
CA GLU A 388 -21.33 7.36 5.80
C GLU A 388 -20.24 8.10 6.57
N GLN A 389 -20.12 7.85 7.88
CA GLN A 389 -19.11 8.54 8.67
C GLN A 389 -17.70 8.17 8.23
N THR A 390 -17.47 6.88 7.98
CA THR A 390 -16.16 6.45 7.49
C THR A 390 -15.86 7.06 6.12
N GLU A 391 -16.86 7.12 5.24
CA GLU A 391 -16.66 7.74 3.94
C GLU A 391 -16.31 9.22 4.08
N LYS A 392 -16.98 9.92 5.00
CA LYS A 392 -16.68 11.34 5.20
C LYS A 392 -15.26 11.54 5.73
N SER A 393 -14.84 10.71 6.68
CA SER A 393 -13.48 10.83 7.21
C SER A 393 -12.44 10.53 6.12
N THR A 394 -12.69 9.48 5.32
CA THR A 394 -11.77 9.17 4.24
C THR A 394 -11.76 10.29 3.20
N ARG A 395 -12.89 10.94 2.97
CA ARG A 395 -12.92 12.07 2.05
C ARG A 395 -12.08 13.22 2.57
N ASP A 396 -12.14 13.48 3.88
CA ASP A 396 -11.28 14.52 4.44
C ASP A 396 -9.81 14.17 4.27
N LYS A 397 -9.45 12.91 4.49
CA LYS A 397 -8.06 12.50 4.33
C LYS A 397 -7.60 12.60 2.88
N ILE A 398 -8.46 12.20 1.93
CA ILE A 398 -8.12 12.31 0.52
C ILE A 398 -8.01 13.76 0.10
N GLU A 399 -8.88 14.63 0.64
CA GLU A 399 -8.78 16.05 0.33
C GLU A 399 -7.45 16.62 0.81
N THR A 400 -7.02 16.22 2.01
CA THR A 400 -5.71 16.68 2.49
C THR A 400 -4.59 16.15 1.60
N VAL A 401 -4.68 14.88 1.19
CA VAL A 401 -3.66 14.30 0.32
C VAL A 401 -3.57 15.08 -0.99
N MET A 402 -4.72 15.40 -1.59
CA MET A 402 -4.70 16.11 -2.86
C MET A 402 -4.29 17.57 -2.71
N LYS A 403 -4.57 18.20 -1.58
CA LYS A 403 -4.06 19.55 -1.36
C LYS A 403 -2.53 19.54 -1.30
N SER A 404 -1.96 18.59 -0.55
CA SER A 404 -0.51 18.50 -0.48
C SER A 404 0.11 18.01 -1.78
N SER A 405 -0.67 17.33 -2.63
CA SER A 405 -0.18 16.98 -3.96
C SER A 405 -0.22 18.17 -4.91
N PHE A 406 -1.24 19.02 -4.78
CA PHE A 406 -1.33 20.22 -5.60
C PHE A 406 -0.21 21.19 -5.26
N LYS A 407 0.17 21.28 -3.99
CA LYS A 407 1.32 22.12 -3.64
C LYS A 407 2.57 21.67 -4.37
N GLU A 408 2.84 20.36 -4.38
CA GLU A 408 3.98 19.83 -5.10
C GLU A 408 3.85 20.08 -6.59
N GLY A 409 2.64 19.95 -7.13
CA GLY A 409 2.44 20.23 -8.55
C GLY A 409 2.75 21.68 -8.89
N MET A 410 2.37 22.60 -8.02
CA MET A 410 2.68 24.02 -8.25
C MET A 410 4.19 24.27 -8.22
N LEU A 411 4.88 23.69 -7.24
CA LEU A 411 6.34 23.86 -7.22
C LEU A 411 6.99 23.24 -8.45
N TYR A 412 6.49 22.07 -8.89
CA TYR A 412 7.07 21.44 -10.07
C TYR A 412 6.83 22.28 -11.32
N ILE A 413 5.64 22.87 -11.47
CA ILE A 413 5.38 23.71 -12.63
C ILE A 413 6.23 24.97 -12.59
N ASN A 414 6.42 25.55 -11.41
CA ASN A 414 7.31 26.71 -11.30
C ASN A 414 8.73 26.35 -11.73
N LEU A 415 9.23 25.20 -11.26
CA LEU A 415 10.57 24.77 -11.65
C LEU A 415 10.65 24.54 -13.16
N SER A 416 9.65 23.88 -13.73
CA SER A 416 9.69 23.58 -15.15
C SER A 416 9.63 24.85 -15.99
N SER A 417 8.84 25.83 -15.55
CA SER A 417 8.77 27.10 -16.27
C SER A 417 10.10 27.84 -16.19
N LEU A 418 10.69 27.90 -14.99
CA LEU A 418 11.96 28.62 -14.84
C LEU A 418 13.08 27.95 -15.60
N THR A 419 12.99 26.63 -15.80
CA THR A 419 14.00 25.93 -16.60
C THR A 419 13.74 26.10 -18.10
N GLY A 420 12.48 26.04 -18.52
CA GLY A 420 12.17 26.18 -19.93
C GLY A 420 12.47 27.57 -20.46
N ILE A 421 12.19 28.61 -19.65
CA ILE A 421 12.55 29.96 -20.07
C ILE A 421 14.04 30.06 -20.35
N VAL A 422 14.85 29.59 -19.40
CA VAL A 422 16.30 29.68 -19.54
C VAL A 422 16.76 28.88 -20.75
N ALA A 423 16.25 27.67 -20.91
CA ALA A 423 16.68 26.83 -22.03
C ALA A 423 16.36 27.47 -23.37
N GLY A 424 15.10 27.86 -23.57
CA GLY A 424 14.71 28.41 -24.87
C GLY A 424 15.39 29.73 -25.17
N LEU A 425 15.40 30.65 -24.21
CA LEU A 425 16.01 31.95 -24.46
C LEU A 425 17.52 31.82 -24.63
N GLY A 426 18.15 30.89 -23.92
CA GLY A 426 19.57 30.65 -24.13
C GLY A 426 19.87 30.08 -25.50
N GLY A 427 19.01 29.18 -25.98
CA GLY A 427 19.18 28.69 -27.35
C GLY A 427 19.05 29.78 -28.38
N ILE A 428 18.07 30.67 -28.20
CA ILE A 428 17.91 31.78 -29.14
C ILE A 428 19.10 32.73 -29.05
N VAL A 429 19.63 32.94 -27.85
CA VAL A 429 20.83 33.78 -27.73
C VAL A 429 22.02 33.12 -28.39
N ILE A 430 22.12 31.79 -28.30
CA ILE A 430 23.20 31.07 -28.97
C ILE A 430 23.12 31.27 -30.48
N LEU A 431 21.93 31.11 -31.05
CA LEU A 431 21.79 31.33 -32.49
C LEU A 431 22.08 32.78 -32.87
N TRP A 432 21.61 33.74 -32.07
CA TRP A 432 21.85 35.15 -32.36
C TRP A 432 23.34 35.46 -32.35
N ALA A 433 24.04 35.00 -31.31
CA ALA A 433 25.47 35.26 -31.22
C ALA A 433 26.26 34.51 -32.29
N GLY A 434 25.80 33.32 -32.68
CA GLY A 434 26.45 32.61 -33.77
C GLY A 434 26.32 33.35 -35.09
N ALA A 435 25.14 33.87 -35.38
CA ALA A 435 24.98 34.71 -36.56
C ALA A 435 25.85 35.95 -36.47
N TYR A 436 25.91 36.56 -35.29
CA TYR A 436 26.73 37.76 -35.10
C TYR A 436 28.20 37.46 -35.39
N ASN A 437 28.68 36.31 -34.92
CA ASN A 437 30.05 35.90 -35.22
C ASN A 437 30.24 35.66 -36.72
N VAL A 438 29.28 35.00 -37.35
CA VAL A 438 29.43 34.64 -38.76
C VAL A 438 29.48 35.89 -39.64
N ILE A 439 28.65 36.88 -39.35
CA ILE A 439 28.61 38.09 -40.17
C ILE A 439 29.72 39.04 -39.76
N LYS A 440 30.60 38.60 -38.86
CA LYS A 440 31.76 39.39 -38.45
C LYS A 440 33.04 38.57 -38.56
N GLY A 441 33.20 37.90 -39.70
CA GLY A 441 34.47 37.29 -40.05
C GLY A 441 34.73 35.91 -39.45
N ASN A 442 35.05 35.86 -38.16
CA ASN A 442 35.44 34.61 -37.54
C ASN A 442 34.30 33.60 -37.54
N MET A 443 34.67 32.32 -37.59
CA MET A 443 33.76 31.19 -37.46
C MET A 443 32.91 31.05 -38.71
N SER A 444 32.15 29.96 -38.84
CA SER A 444 31.43 29.66 -40.07
C SER A 444 30.05 29.13 -39.75
N GLY A 445 29.18 29.16 -40.77
CA GLY A 445 27.80 28.72 -40.57
C GLY A 445 27.69 27.25 -40.22
N GLY A 446 28.40 26.40 -40.96
CA GLY A 446 28.39 24.98 -40.63
C GLY A 446 29.01 24.71 -39.27
N GLN A 447 30.00 25.52 -38.89
CA GLN A 447 30.53 25.45 -37.53
C GLN A 447 29.43 25.75 -36.53
N LEU A 448 28.57 26.73 -36.82
CA LEU A 448 27.44 27.02 -35.94
C LEU A 448 26.46 25.86 -35.88
N LEU A 449 26.15 25.26 -37.03
CA LEU A 449 25.19 24.16 -37.03
C LEU A 449 25.72 22.96 -36.27
N ALA A 450 27.00 22.64 -36.42
CA ALA A 450 27.59 21.56 -35.64
C ALA A 450 27.67 21.94 -34.17
N PHE A 451 27.92 23.23 -33.88
CA PHE A 451 27.93 23.70 -32.51
C PHE A 451 26.58 23.53 -31.84
N ASN A 452 25.49 23.62 -32.62
CA ASN A 452 24.18 23.38 -32.02
C ASN A 452 24.05 21.96 -31.50
N ALA A 453 24.53 20.97 -32.25
CA ALA A 453 24.42 19.59 -31.79
C ALA A 453 25.42 19.26 -30.67
N LEU A 454 26.63 19.82 -30.74
CA LEU A 454 27.55 19.67 -29.60
C LEU A 454 26.99 20.34 -28.36
N LEU A 455 26.36 21.51 -28.51
CA LEU A 455 25.69 22.16 -27.40
C LEU A 455 24.52 21.32 -26.90
N ALA A 456 23.88 20.56 -27.80
CA ALA A 456 22.88 19.61 -27.36
C ALA A 456 23.50 18.57 -26.43
N TYR A 457 24.59 17.94 -26.85
CA TYR A 457 25.24 16.98 -25.96
C TYR A 457 25.86 17.62 -24.72
N PHE A 458 25.99 18.95 -24.69
CA PHE A 458 26.46 19.63 -23.49
C PHE A 458 25.33 19.98 -22.53
N LEU A 459 24.19 20.41 -23.05
CA LEU A 459 23.09 20.93 -22.26
C LEU A 459 21.95 19.94 -22.04
N THR A 460 21.50 19.26 -23.09
CA THR A 460 20.36 18.35 -22.97
C THR A 460 20.52 17.31 -21.88
N PRO A 461 21.69 16.69 -21.65
CA PRO A 461 21.82 15.87 -20.44
C PRO A 461 21.59 16.66 -19.15
N VAL A 462 22.08 17.89 -19.07
CA VAL A 462 21.90 18.68 -17.86
C VAL A 462 20.43 19.04 -17.66
N LYS A 463 19.76 19.50 -18.72
CA LYS A 463 18.36 19.84 -18.60
C LYS A 463 17.50 18.62 -18.33
N ASN A 464 17.85 17.48 -18.93
CA ASN A 464 17.13 16.25 -18.65
C ASN A 464 17.30 15.82 -17.20
N LEU A 465 18.50 16.00 -16.65
CA LEU A 465 18.72 15.72 -15.23
C LEU A 465 17.90 16.65 -14.36
N ILE A 466 17.85 17.93 -14.70
CA ILE A 466 17.09 18.88 -13.88
C ILE A 466 15.61 18.59 -13.95
N ASP A 467 15.10 18.23 -15.13
CA ASP A 467 13.71 17.82 -15.25
C ASP A 467 13.40 16.54 -14.49
N LEU A 468 14.42 15.79 -14.10
CA LEU A 468 14.26 14.59 -13.30
C LEU A 468 14.31 14.86 -11.81
N GLN A 469 14.56 16.10 -11.40
CA GLN A 469 14.67 16.42 -9.98
C GLN A 469 13.48 15.94 -9.15
N PRO A 470 12.23 15.97 -9.63
CA PRO A 470 11.15 15.32 -8.86
C PRO A 470 11.45 13.87 -8.51
N LEU A 471 11.95 13.07 -9.45
CA LEU A 471 12.18 11.66 -9.18
C LEU A 471 13.29 11.46 -8.14
N ILE A 472 14.42 12.12 -8.33
CA ILE A 472 15.53 11.98 -7.40
C ILE A 472 15.15 12.50 -6.01
N GLN A 473 14.44 13.64 -5.96
CA GLN A 473 14.05 14.18 -4.66
C GLN A 473 13.05 13.26 -3.95
N THR A 474 12.09 12.71 -4.70
CA THR A 474 11.14 11.79 -4.10
C THR A 474 11.84 10.54 -3.59
N ALA A 475 12.80 10.02 -4.36
CA ALA A 475 13.54 8.84 -3.91
C ALA A 475 14.38 9.16 -2.67
N VAL A 476 14.97 10.35 -2.62
CA VAL A 476 15.75 10.73 -1.44
C VAL A 476 14.86 10.81 -0.21
N VAL A 477 13.67 11.40 -0.36
CA VAL A 477 12.76 11.48 0.77
C VAL A 477 12.28 10.09 1.20
N ALA A 478 11.99 9.22 0.23
CA ALA A 478 11.57 7.86 0.56
C ALA A 478 12.66 7.10 1.29
N SER A 479 13.91 7.21 0.84
CA SER A 479 15.02 6.57 1.53
C SER A 479 15.33 7.22 2.87
N ASN A 480 15.03 8.49 3.05
CA ASN A 480 15.22 9.12 4.34
C ASN A 480 14.20 8.64 5.35
N ARG A 481 12.92 8.57 4.96
CA ARG A 481 11.90 8.07 5.89
C ARG A 481 12.04 6.58 6.13
N LEU A 482 12.40 5.82 5.09
CA LEU A 482 12.62 4.38 5.25
C LEU A 482 13.84 4.06 6.11
N GLY A 483 14.72 5.04 6.34
CA GLY A 483 15.92 4.79 7.10
C GLY A 483 16.03 5.60 8.37
N GLU A 484 15.24 6.68 8.48
CA GLU A 484 15.22 7.47 9.71
C GLU A 484 14.87 6.60 10.90
N ILE A 485 13.66 6.04 10.88
CA ILE A 485 13.28 5.00 11.82
C ILE A 485 13.11 3.73 10.99
N LEU A 486 13.00 2.59 11.68
CA LEU A 486 12.80 1.27 11.07
C LEU A 486 14.10 0.79 10.44
N GLU A 487 15.13 1.64 10.47
CA GLU A 487 16.50 1.25 10.18
C GLU A 487 17.50 1.77 11.20
N LEU A 488 17.06 2.61 12.12
CA LEU A 488 17.90 3.08 13.22
C LEU A 488 17.35 2.70 14.58
N ALA A 489 16.07 2.34 14.68
CA ALA A 489 15.47 2.01 15.96
C ALA A 489 16.09 0.75 16.55
N THR A 490 16.12 0.71 17.87
CA THR A 490 16.74 -0.41 18.58
C THR A 490 16.05 -1.72 18.21
N GLU A 491 16.84 -2.76 18.01
CA GLU A 491 16.33 -4.08 17.65
C GLU A 491 15.95 -4.86 18.90
N LYS A 492 15.38 -6.05 18.67
CA LYS A 492 14.99 -6.92 19.77
C LYS A 492 16.20 -7.51 20.47
N GLU A 493 17.14 -8.05 19.70
CA GLU A 493 18.27 -8.78 20.28
C GLU A 493 19.22 -7.86 21.04
N LEU A 494 19.15 -6.55 20.80
CA LEU A 494 20.00 -5.59 21.50
C LEU A 494 19.42 -5.31 22.89
N ARG A 495 19.45 -6.35 23.72
CA ARG A 495 18.91 -6.29 25.07
C ARG A 495 19.98 -6.50 26.15
N GLU A 496 20.72 -7.59 26.08
CA GLU A 496 21.69 -7.98 27.10
C GLU A 496 22.57 -9.08 26.51
N ASP A 497 23.38 -9.70 27.37
CA ASP A 497 24.24 -10.80 26.94
C ASP A 497 23.41 -12.08 26.83
N SER A 498 24.10 -13.22 26.69
CA SER A 498 23.42 -14.50 26.60
C SER A 498 24.10 -15.52 27.49
N ASP A 499 23.72 -16.80 27.36
CA ASP A 499 24.32 -17.84 28.17
C ASP A 499 24.34 -19.14 27.39
N ASP A 500 25.21 -20.05 27.84
CA ASP A 500 25.35 -21.37 27.23
C ASP A 500 25.00 -22.51 28.16
N PHE A 501 25.00 -22.28 29.47
CA PHE A 501 24.73 -23.36 30.42
C PHE A 501 23.28 -23.79 30.41
N VAL A 502 22.37 -22.90 30.04
CA VAL A 502 20.94 -23.21 30.05
C VAL A 502 20.60 -24.03 28.80
N ILE A 503 20.09 -25.23 29.01
CA ILE A 503 19.70 -26.12 27.91
C ILE A 503 18.24 -26.52 28.10
N SER A 504 17.79 -26.52 29.34
CA SER A 504 16.41 -26.84 29.68
C SER A 504 15.84 -25.70 30.53
N LEU A 505 14.52 -25.54 30.47
CA LEU A 505 13.86 -24.41 31.10
C LEU A 505 12.83 -24.88 32.12
N LYS A 506 13.15 -25.98 32.80
CA LYS A 506 12.34 -26.50 33.91
C LYS A 506 12.88 -25.89 35.20
N GLY A 507 12.10 -24.98 35.80
CA GLY A 507 12.55 -24.33 37.01
C GLY A 507 11.40 -23.66 37.73
N ASP A 508 11.74 -23.00 38.84
CA ASP A 508 10.78 -22.31 39.67
C ASP A 508 10.84 -20.82 39.37
N ILE A 509 9.74 -20.26 38.89
CA ILE A 509 9.67 -18.85 38.54
C ILE A 509 9.56 -18.03 39.81
N GLU A 510 10.41 -17.01 39.95
CA GLU A 510 10.65 -16.35 41.23
C GLU A 510 10.66 -14.83 41.07
N PHE A 511 9.59 -14.27 40.50
CA PHE A 511 9.41 -12.82 40.40
C PHE A 511 9.91 -12.11 41.66
N ARG A 512 10.76 -11.11 41.47
CA ARG A 512 11.29 -10.29 42.57
C ARG A 512 11.02 -8.82 42.28
N ASN A 513 10.00 -8.26 42.93
CA ASN A 513 9.73 -6.82 42.90
C ASN A 513 9.63 -6.31 41.47
N VAL A 514 8.96 -7.08 40.62
CA VAL A 514 8.86 -6.73 39.20
C VAL A 514 7.82 -5.64 39.03
N ASP A 515 8.23 -4.52 38.43
CA ASP A 515 7.34 -3.41 38.13
C ASP A 515 7.40 -3.17 36.62
N PHE A 516 6.26 -3.29 35.95
CA PHE A 516 6.15 -3.02 34.53
C PHE A 516 5.16 -1.89 34.30
N ARG A 517 5.59 -0.88 33.53
CA ARG A 517 4.73 0.22 33.11
C ARG A 517 4.63 0.17 31.58
N TYR A 518 3.41 0.05 31.08
CA TYR A 518 3.20 0.11 29.64
C TYR A 518 3.43 1.53 29.15
N GLY A 519 4.57 1.78 28.54
CA GLY A 519 4.90 3.12 28.11
C GLY A 519 5.11 4.06 29.27
N LEU A 520 4.15 4.97 29.49
CA LEU A 520 4.25 5.95 30.57
C LEU A 520 2.93 6.20 31.28
N ARG A 521 1.86 5.50 30.91
CA ARG A 521 0.53 5.82 31.43
C ARG A 521 0.47 5.68 32.96
N LYS A 522 0.63 4.45 33.44
CA LYS A 522 0.48 4.17 34.87
C LYS A 522 1.01 2.78 35.17
N PRO A 523 1.73 2.59 36.29
CA PRO A 523 2.24 1.25 36.61
C PRO A 523 1.15 0.21 36.71
N VAL A 524 1.16 -0.75 35.77
CA VAL A 524 0.20 -1.84 35.82
C VAL A 524 0.51 -2.77 36.98
N LEU A 525 1.80 -3.00 37.25
CA LEU A 525 2.24 -3.94 38.27
C LEU A 525 3.07 -3.22 39.32
N LYS A 526 2.72 -3.41 40.58
CA LYS A 526 3.52 -2.95 41.70
C LYS A 526 4.52 -4.04 42.06
N ASN A 527 5.13 -3.95 43.25
CA ASN A 527 6.24 -4.83 43.61
C ASN A 527 5.69 -6.26 43.79
N ILE A 528 5.45 -6.91 42.65
CA ILE A 528 4.85 -8.23 42.63
C ILE A 528 5.87 -9.27 43.08
N ASN A 529 5.36 -10.40 43.57
CA ASN A 529 6.21 -11.47 44.07
C ASN A 529 5.50 -12.80 43.87
N LEU A 530 6.03 -13.63 42.99
CA LEU A 530 5.51 -14.96 42.74
C LEU A 530 6.51 -16.01 43.18
N THR A 531 5.99 -17.18 43.55
CA THR A 531 6.79 -18.31 43.98
C THR A 531 6.30 -19.59 43.32
N ILE A 532 6.12 -19.53 42.00
CA ILE A 532 5.60 -20.68 41.25
C ILE A 532 6.57 -21.85 41.36
N PRO A 533 6.13 -23.00 41.84
CA PRO A 533 6.99 -24.18 41.88
C PRO A 533 6.98 -24.90 40.53
N LYS A 534 7.94 -25.82 40.38
CA LYS A 534 8.09 -26.54 39.13
C LYS A 534 6.95 -27.54 38.93
N GLY A 535 6.50 -27.67 37.69
CA GLY A 535 5.53 -28.69 37.34
C GLY A 535 4.17 -28.55 37.98
N LYS A 536 3.82 -27.37 38.48
CA LYS A 536 2.55 -27.16 39.15
C LYS A 536 1.48 -26.84 38.11
N THR A 537 0.29 -26.45 38.60
CA THR A 537 -0.83 -26.03 37.76
C THR A 537 -1.37 -24.71 38.30
N VAL A 538 -0.46 -23.76 38.50
CA VAL A 538 -0.79 -22.50 39.15
C VAL A 538 -1.82 -21.73 38.33
N ALA A 539 -2.78 -21.12 39.03
CA ALA A 539 -3.80 -20.27 38.43
C ALA A 539 -3.66 -18.85 38.98
N ILE A 540 -3.99 -17.88 38.13
CA ILE A 540 -3.87 -16.47 38.48
C ILE A 540 -5.24 -15.82 38.31
N VAL A 541 -5.68 -15.09 39.35
CA VAL A 541 -6.96 -14.41 39.35
C VAL A 541 -6.76 -12.97 39.78
N GLY A 542 -7.80 -12.16 39.55
CA GLY A 542 -7.76 -10.77 39.95
C GLY A 542 -8.87 -9.99 39.27
N GLU A 543 -8.74 -8.67 39.34
CA GLU A 543 -9.70 -7.78 38.68
C GLU A 543 -9.53 -7.88 37.16
N SER A 544 -10.54 -7.37 36.44
CA SER A 544 -10.51 -7.43 34.98
C SER A 544 -9.37 -6.63 34.39
N GLY A 545 -8.80 -5.68 35.12
CA GLY A 545 -7.68 -4.91 34.64
C GLY A 545 -6.46 -5.04 35.54
N SER A 546 -6.35 -6.16 36.25
CA SER A 546 -5.26 -6.35 37.19
C SER A 546 -3.91 -6.43 36.48
N GLY A 547 -3.86 -7.14 35.35
CA GLY A 547 -2.61 -7.29 34.63
C GLY A 547 -2.12 -8.72 34.51
N LYS A 548 -3.05 -9.69 34.41
CA LYS A 548 -2.64 -11.08 34.25
C LYS A 548 -1.93 -11.30 32.93
N THR A 549 -2.52 -10.82 31.82
CA THR A 549 -1.86 -10.95 30.54
C THR A 549 -0.57 -10.14 30.51
N THR A 550 -0.48 -9.07 31.32
CA THR A 550 0.79 -8.37 31.47
C THR A 550 1.86 -9.29 32.05
N LEU A 551 1.49 -10.08 33.06
CA LEU A 551 2.43 -11.06 33.60
C LEU A 551 2.81 -12.10 32.56
N ALA A 552 1.84 -12.59 31.80
CA ALA A 552 2.14 -13.59 30.77
C ALA A 552 3.07 -13.02 29.70
N LYS A 553 2.91 -11.74 29.36
CA LYS A 553 3.79 -11.12 28.39
C LYS A 553 5.18 -10.87 28.98
N LEU A 554 5.26 -10.54 30.26
CA LEU A 554 6.55 -10.38 30.91
C LEU A 554 7.34 -11.68 30.91
N LEU A 555 6.65 -12.80 31.16
CA LEU A 555 7.33 -14.09 31.19
C LEU A 555 7.80 -14.53 29.80
N MET A 556 7.21 -14.02 28.73
CA MET A 556 7.57 -14.38 27.37
C MET A 556 8.59 -13.43 26.75
N ASN A 557 9.08 -12.45 27.50
CA ASN A 557 10.02 -11.44 26.99
C ASN A 557 9.46 -10.70 25.79
N PHE A 558 8.18 -10.38 25.82
CA PHE A 558 7.65 -9.37 24.91
C PHE A 558 7.95 -7.97 25.42
N TYR A 559 8.14 -7.83 26.73
CA TYR A 559 8.49 -6.56 27.34
C TYR A 559 9.50 -6.83 28.46
N SER A 560 9.91 -5.77 29.14
CA SER A 560 10.90 -5.89 30.21
C SER A 560 10.49 -5.05 31.41
N PRO A 561 10.86 -5.49 32.61
CA PRO A 561 10.62 -4.68 33.81
C PRO A 561 11.50 -3.45 33.82
N GLU A 562 11.34 -2.64 34.87
CA GLU A 562 12.13 -1.43 35.04
C GLU A 562 12.80 -1.30 36.40
N LYS A 563 12.40 -2.07 37.41
CA LYS A 563 13.14 -2.06 38.67
C LYS A 563 13.38 -3.47 39.21
N GLY A 564 12.64 -4.47 38.74
CA GLY A 564 12.73 -5.80 39.31
C GLY A 564 13.51 -6.74 38.41
N ASP A 565 13.64 -7.98 38.89
CA ASP A 565 14.37 -9.04 38.18
C ASP A 565 13.52 -10.30 38.21
N ILE A 566 12.95 -10.65 37.07
CA ILE A 566 12.30 -11.94 36.90
C ILE A 566 13.36 -13.04 36.75
N LEU A 567 13.09 -14.19 37.35
CA LEU A 567 14.02 -15.31 37.35
C LEU A 567 13.32 -16.59 36.93
N ILE A 568 14.13 -17.58 36.55
CA ILE A 568 13.66 -18.94 36.36
C ILE A 568 14.81 -19.91 36.63
N ASN A 569 14.51 -20.99 37.37
CA ASN A 569 15.49 -22.01 37.74
C ASN A 569 16.70 -21.43 38.48
N GLY A 570 16.55 -20.24 39.08
CA GLY A 570 17.60 -19.63 39.85
C GLY A 570 18.37 -18.54 39.13
N HIS A 571 18.28 -18.47 37.82
CA HIS A 571 18.99 -17.47 37.03
C HIS A 571 17.99 -16.62 36.27
N SER A 572 18.32 -15.34 36.11
CA SER A 572 17.41 -14.40 35.45
C SER A 572 17.19 -14.79 33.99
N ILE A 573 15.97 -14.55 33.51
CA ILE A 573 15.66 -14.81 32.12
C ILE A 573 16.26 -13.76 31.19
N LYS A 574 16.80 -12.68 31.75
CA LYS A 574 17.53 -11.72 30.92
C LYS A 574 18.72 -12.38 30.24
N ASN A 575 19.47 -13.19 30.98
CA ASN A 575 20.66 -13.85 30.45
C ASN A 575 20.32 -15.22 29.88
N ILE A 576 19.31 -15.26 29.02
CA ILE A 576 18.95 -16.46 28.27
C ILE A 576 18.64 -16.04 26.84
N SER A 577 19.13 -16.82 25.88
CA SER A 577 18.87 -16.51 24.48
C SER A 577 17.37 -16.53 24.20
N LEU A 578 16.89 -15.47 23.54
CA LEU A 578 15.46 -15.38 23.23
C LEU A 578 15.00 -16.54 22.36
N GLU A 579 15.91 -17.07 21.53
CA GLU A 579 15.56 -18.23 20.72
C GLU A 579 15.24 -19.45 21.56
N LEU A 580 15.60 -19.44 22.83
CA LEU A 580 15.24 -20.50 23.77
C LEU A 580 14.02 -20.17 24.61
N ILE A 581 13.90 -18.92 25.08
CA ILE A 581 12.73 -18.52 25.86
C ILE A 581 11.48 -18.60 25.02
N ARG A 582 11.52 -18.07 23.80
CA ARG A 582 10.39 -18.12 22.90
C ARG A 582 10.29 -19.44 22.15
N LYS A 583 10.96 -20.47 22.64
CA LYS A 583 10.82 -21.82 22.11
C LYS A 583 10.39 -22.82 23.17
N LYS A 584 10.78 -22.61 24.43
CA LYS A 584 10.41 -23.51 25.51
C LYS A 584 9.28 -22.95 26.39
N ILE A 585 8.72 -21.80 26.05
CA ILE A 585 7.56 -21.25 26.74
C ILE A 585 6.46 -21.05 25.71
N ALA A 586 5.36 -21.78 25.86
CA ALA A 586 4.23 -21.66 24.96
C ALA A 586 3.13 -20.85 25.64
N PHE A 587 2.69 -19.79 24.98
CA PHE A 587 1.69 -18.89 25.53
C PHE A 587 0.53 -18.78 24.54
N VAL A 588 -0.66 -19.12 25.00
CA VAL A 588 -1.87 -19.02 24.20
C VAL A 588 -2.76 -17.94 24.83
N SER A 589 -3.22 -17.00 23.99
CA SER A 589 -3.94 -15.83 24.45
C SER A 589 -5.33 -15.79 23.82
N GLN A 590 -6.07 -14.74 24.15
CA GLN A 590 -7.41 -14.58 23.60
C GLN A 590 -7.36 -14.17 22.13
N ASP A 591 -6.43 -13.29 21.77
CA ASP A 591 -6.31 -12.78 20.41
C ASP A 591 -5.63 -13.82 19.52
N VAL A 592 -6.38 -14.88 19.23
CA VAL A 592 -5.87 -15.94 18.36
C VAL A 592 -5.73 -15.41 16.94
N PHE A 593 -4.53 -15.56 16.37
CA PHE A 593 -4.23 -15.11 15.03
C PHE A 593 -3.85 -16.31 14.17
N ILE A 594 -4.45 -16.40 12.99
CA ILE A 594 -4.23 -17.51 12.06
C ILE A 594 -3.69 -16.95 10.76
N PHE A 595 -2.70 -17.63 10.19
CA PHE A 595 -2.02 -17.18 8.98
C PHE A 595 -2.61 -17.88 7.75
N SER A 596 -2.51 -17.19 6.62
CA SER A 596 -2.99 -17.75 5.35
C SER A 596 -2.08 -18.89 4.91
N GLY A 597 -2.65 -20.08 4.80
CA GLY A 597 -1.89 -21.21 4.31
C GLY A 597 -2.53 -22.51 4.74
N THR A 598 -1.81 -23.59 4.46
CA THR A 598 -2.27 -24.92 4.82
C THR A 598 -2.38 -25.05 6.34
N VAL A 599 -3.36 -25.83 6.79
CA VAL A 599 -3.52 -26.06 8.23
C VAL A 599 -2.28 -26.70 8.81
N LYS A 600 -1.65 -27.62 8.08
CA LYS A 600 -0.37 -28.18 8.51
C LYS A 600 0.68 -27.09 8.60
N GLU A 601 0.71 -26.18 7.63
CA GLU A 601 1.65 -25.07 7.68
C GLU A 601 1.36 -24.15 8.86
N ASN A 602 0.08 -23.92 9.17
CA ASN A 602 -0.27 -23.12 10.33
C ASN A 602 0.20 -23.79 11.62
N LEU A 603 -0.03 -25.10 11.75
CA LEU A 603 0.33 -25.81 12.96
C LEU A 603 1.84 -25.85 13.17
N CYS A 604 2.60 -26.02 12.08
CA CYS A 604 4.04 -26.23 12.16
C CYS A 604 4.82 -24.93 12.03
N LEU A 605 4.25 -23.80 12.46
CA LEU A 605 4.96 -22.54 12.40
C LEU A 605 6.17 -22.58 13.32
N GLY A 606 7.30 -22.03 12.84
CA GLY A 606 8.52 -22.06 13.61
C GLY A 606 9.37 -23.28 13.31
N ASN A 607 8.89 -24.46 13.69
CA ASN A 607 9.57 -25.73 13.43
C ASN A 607 8.83 -26.48 12.32
N GLU A 608 9.24 -26.23 11.08
CA GLU A 608 8.55 -26.76 9.92
C GLU A 608 8.82 -28.25 9.72
N ASN A 609 9.99 -28.73 10.12
CA ASN A 609 10.42 -30.10 9.84
C ASN A 609 9.65 -31.14 10.65
N VAL A 610 8.89 -30.71 11.67
CA VAL A 610 8.20 -31.66 12.54
C VAL A 610 7.28 -32.56 11.73
N ASP A 611 7.31 -33.85 12.03
CA ASP A 611 6.67 -34.87 11.23
C ASP A 611 5.16 -34.93 11.51
N MET A 612 4.47 -35.75 10.72
CA MET A 612 3.02 -35.86 10.81
C MET A 612 2.60 -36.46 12.15
N ASP A 613 3.38 -37.39 12.70
CA ASP A 613 2.99 -38.05 13.94
C ASP A 613 2.89 -37.06 15.09
N GLU A 614 3.84 -36.13 15.19
CA GLU A 614 3.82 -35.19 16.30
C GLU A 614 2.67 -34.19 16.18
N ILE A 615 2.38 -33.72 14.96
CA ILE A 615 1.25 -32.81 14.79
C ILE A 615 -0.06 -33.54 15.06
N ILE A 616 -0.15 -34.81 14.68
CA ILE A 616 -1.34 -35.59 15.00
C ILE A 616 -1.50 -35.73 16.51
N LYS A 617 -0.40 -36.02 17.21
CA LYS A 617 -0.46 -36.14 18.66
C LYS A 617 -0.89 -34.85 19.33
N ALA A 618 -0.32 -33.72 18.89
CA ALA A 618 -0.67 -32.44 19.49
C ALA A 618 -2.11 -32.05 19.19
N ALA A 619 -2.58 -32.35 17.97
CA ALA A 619 -3.98 -32.07 17.66
C ALA A 619 -4.91 -32.92 18.51
N LYS A 620 -4.58 -34.20 18.70
CA LYS A 620 -5.40 -35.07 19.55
C LYS A 620 -5.40 -34.58 20.99
N MET A 621 -4.25 -34.12 21.48
CA MET A 621 -4.17 -33.57 22.83
C MET A 621 -4.89 -32.24 22.96
N ALA A 622 -5.10 -31.53 21.85
CA ALA A 622 -5.77 -30.24 21.86
C ALA A 622 -7.23 -30.33 21.43
N ASN A 623 -7.75 -31.54 21.24
CA ASN A 623 -9.13 -31.80 20.81
C ASN A 623 -9.43 -31.24 19.43
N ALA A 624 -8.44 -30.68 18.74
CA ALA A 624 -8.63 -30.13 17.41
C ALA A 624 -8.50 -31.17 16.30
N HIS A 625 -8.05 -32.38 16.63
CA HIS A 625 -7.89 -33.40 15.59
C HIS A 625 -9.23 -33.81 15.00
N ASP A 626 -10.26 -33.91 15.84
CA ASP A 626 -11.57 -34.33 15.35
C ASP A 626 -12.11 -33.32 14.33
N PHE A 627 -11.96 -32.03 14.61
CA PHE A 627 -12.40 -31.01 13.65
C PHE A 627 -11.60 -31.06 12.37
N ILE A 628 -10.28 -31.18 12.47
CA ILE A 628 -9.43 -31.06 11.29
C ILE A 628 -9.72 -32.18 10.30
N GLU A 629 -9.92 -33.40 10.80
CA GLU A 629 -10.19 -34.53 9.91
C GLU A 629 -11.56 -34.44 9.25
N LYS A 630 -12.45 -33.58 9.74
CA LYS A 630 -13.76 -33.42 9.11
C LYS A 630 -13.68 -32.57 7.84
N LEU A 631 -12.78 -31.60 7.79
CA LEU A 631 -12.66 -30.75 6.63
C LEU A 631 -12.16 -31.55 5.43
N PRO A 632 -12.56 -31.18 4.21
CA PRO A 632 -11.94 -31.79 3.04
C PRO A 632 -10.53 -31.28 2.84
N LEU A 633 -9.66 -32.16 2.33
CA LEU A 633 -8.22 -31.95 2.38
C LEU A 633 -7.80 -31.71 3.84
N LYS A 634 -7.97 -32.79 4.61
CA LYS A 634 -8.06 -32.72 6.07
C LYS A 634 -7.05 -31.77 6.70
N TYR A 635 -5.76 -32.06 6.52
CA TYR A 635 -4.73 -31.16 7.02
C TYR A 635 -4.19 -30.23 5.95
N ASP A 636 -4.37 -30.58 4.68
CA ASP A 636 -3.86 -29.79 3.56
C ASP A 636 -4.95 -28.90 2.97
N THR A 637 -5.53 -28.05 3.82
CA THR A 637 -6.58 -27.13 3.37
C THR A 637 -6.22 -25.70 3.74
N PHE A 638 -6.75 -24.77 2.95
CA PHE A 638 -6.43 -23.35 3.07
C PHE A 638 -7.33 -22.72 4.13
N LEU A 639 -6.82 -21.65 4.76
CA LEU A 639 -7.54 -21.01 5.85
C LEU A 639 -7.77 -19.51 5.61
N ASN A 640 -7.60 -19.04 4.37
CA ASN A 640 -7.83 -17.63 4.05
C ASN A 640 -7.00 -16.72 4.96
N GLU A 641 -7.45 -15.48 5.15
CA GLU A 641 -6.80 -14.58 6.09
C GLU A 641 -7.21 -14.95 7.51
N SER A 642 -6.99 -14.03 8.45
CA SER A 642 -7.30 -14.27 9.86
C SER A 642 -8.59 -15.06 9.97
N GLY A 643 -8.52 -16.21 10.64
CA GLY A 643 -9.39 -17.33 10.36
C GLY A 643 -10.82 -17.00 10.02
N ALA A 644 -11.21 -17.33 8.81
CA ALA A 644 -12.56 -17.15 8.31
C ALA A 644 -13.16 -18.46 7.83
N ASN A 645 -12.35 -19.36 7.29
CA ASN A 645 -12.82 -20.69 6.93
C ASN A 645 -13.20 -21.51 8.16
N LEU A 646 -12.81 -21.08 9.35
CA LEU A 646 -13.14 -21.76 10.60
C LEU A 646 -13.74 -20.76 11.58
N SER A 647 -14.51 -21.28 12.53
CA SER A 647 -15.14 -20.43 13.53
C SER A 647 -14.11 -19.97 14.54
N GLU A 648 -14.48 -18.96 15.34
CA GLU A 648 -13.57 -18.42 16.33
C GLU A 648 -13.27 -19.43 17.44
N GLY A 649 -14.26 -20.21 17.85
CA GLY A 649 -14.00 -21.25 18.82
C GLY A 649 -13.25 -22.45 18.30
N GLN A 650 -13.17 -22.62 16.98
CA GLN A 650 -12.38 -23.66 16.35
C GLN A 650 -10.97 -23.20 16.04
N LYS A 651 -10.63 -21.95 16.35
CA LYS A 651 -9.28 -21.43 16.18
C LYS A 651 -8.52 -21.35 17.50
N GLN A 652 -9.23 -21.18 18.62
CA GLN A 652 -8.59 -21.32 19.92
C GLN A 652 -7.96 -22.70 20.05
N ARG A 653 -8.62 -23.72 19.49
CA ARG A 653 -8.08 -25.07 19.55
C ARG A 653 -6.85 -25.23 18.65
N LEU A 654 -6.81 -24.55 17.50
CA LEU A 654 -5.59 -24.56 16.71
C LEU A 654 -4.45 -23.85 17.44
N ALA A 655 -4.77 -22.77 18.16
CA ALA A 655 -3.74 -22.12 18.96
C ALA A 655 -3.20 -23.06 20.04
N ILE A 656 -4.10 -23.81 20.68
CA ILE A 656 -3.69 -24.78 21.68
C ILE A 656 -2.79 -25.84 21.06
N ALA A 657 -3.18 -26.35 19.88
CA ALA A 657 -2.39 -27.39 19.22
C ALA A 657 -1.03 -26.88 18.82
N ARG A 658 -0.96 -25.62 18.35
CA ARG A 658 0.34 -25.03 18.02
C ARG A 658 1.22 -24.91 19.25
N ALA A 659 0.65 -24.45 20.36
CA ALA A 659 1.42 -24.34 21.59
C ALA A 659 1.88 -25.71 22.08
N LEU A 660 1.11 -26.76 21.79
CA LEU A 660 1.52 -28.11 22.17
C LEU A 660 2.64 -28.63 21.26
N LEU A 661 2.59 -28.29 19.96
CA LEU A 661 3.70 -28.63 19.08
C LEU A 661 4.98 -27.96 19.53
N LYS A 662 4.91 -26.68 19.87
CA LYS A 662 6.09 -26.00 20.42
C LYS A 662 6.25 -26.47 21.86
N LYS A 663 6.84 -27.67 21.99
CA LYS A 663 6.96 -28.38 23.26
C LYS A 663 7.54 -27.46 24.34
N PRO A 664 6.73 -27.04 25.30
CA PRO A 664 7.14 -26.00 26.22
C PRO A 664 7.70 -26.57 27.52
N ASP A 665 8.23 -25.66 28.32
CA ASP A 665 8.58 -25.94 29.71
C ASP A 665 7.76 -25.11 30.69
N ILE A 666 7.26 -23.95 30.27
CA ILE A 666 6.32 -23.15 31.04
C ILE A 666 5.14 -22.85 30.12
N LEU A 667 4.01 -23.49 30.38
CA LEU A 667 2.82 -23.35 29.54
C LEU A 667 1.88 -22.34 30.19
N ILE A 668 1.54 -21.29 29.43
CA ILE A 668 0.65 -20.23 29.91
C ILE A 668 -0.62 -20.25 29.07
N LEU A 669 -1.76 -20.38 29.74
CA LEU A 669 -3.04 -20.38 29.05
C LEU A 669 -3.79 -19.07 29.27
N ASP A 694 5.85 -33.13 32.66
CA ASP A 694 5.88 -32.34 33.88
C ASP A 694 6.18 -30.87 33.59
N VAL A 695 5.34 -30.25 32.78
CA VAL A 695 5.51 -28.86 32.38
C VAL A 695 4.71 -27.97 33.32
N THR A 696 5.32 -26.85 33.74
CA THR A 696 4.62 -25.90 34.58
C THR A 696 3.50 -25.24 33.78
N VAL A 697 2.32 -25.17 34.40
CA VAL A 697 1.13 -24.62 33.75
C VAL A 697 0.65 -23.43 34.56
N ILE A 698 0.68 -22.25 33.96
CA ILE A 698 0.14 -21.03 34.56
C ILE A 698 -1.12 -20.69 33.78
N ILE A 699 -2.28 -21.01 34.36
CA ILE A 699 -3.56 -20.78 33.72
C ILE A 699 -4.11 -19.44 34.20
N ILE A 700 -4.40 -18.55 33.27
CA ILE A 700 -5.07 -17.28 33.56
C ILE A 700 -6.52 -17.42 33.13
N ALA A 701 -7.43 -17.30 34.10
CA ALA A 701 -8.86 -17.48 33.85
C ALA A 701 -9.65 -16.44 34.62
N HIS A 702 -10.84 -16.14 34.12
CA HIS A 702 -11.71 -15.16 34.74
C HIS A 702 -12.82 -15.76 35.59
N ARG A 703 -13.23 -16.99 35.27
CA ARG A 703 -14.22 -17.69 36.08
C ARG A 703 -13.54 -18.41 37.23
N LEU A 704 -14.14 -18.34 38.41
CA LEU A 704 -13.58 -18.93 39.62
C LEU A 704 -14.03 -20.37 39.83
N SER A 705 -14.81 -20.92 38.90
CA SER A 705 -15.32 -22.28 39.04
C SER A 705 -14.48 -23.32 38.31
N THR A 706 -13.85 -22.95 37.19
CA THR A 706 -13.05 -23.91 36.45
C THR A 706 -11.69 -24.15 37.11
N ILE A 707 -11.12 -23.12 37.71
CA ILE A 707 -9.83 -23.23 38.40
C ILE A 707 -10.11 -23.28 39.90
N VAL A 708 -10.31 -24.49 40.40
CA VAL A 708 -10.51 -24.73 41.83
C VAL A 708 -9.50 -25.77 42.30
N ASN A 709 -9.45 -26.90 41.60
CA ASN A 709 -8.50 -27.96 41.91
C ASN A 709 -7.14 -27.65 41.28
N CYS A 710 -6.50 -26.62 41.82
CA CYS A 710 -5.19 -26.19 41.38
C CYS A 710 -4.21 -26.21 42.55
N ASP A 711 -2.94 -26.40 42.24
CA ASP A 711 -1.92 -26.52 43.28
C ASP A 711 -1.78 -25.23 44.08
N LYS A 712 -1.81 -24.09 43.39
CA LYS A 712 -1.73 -22.81 44.06
C LYS A 712 -2.40 -21.75 43.21
N ILE A 713 -3.02 -20.77 43.85
CA ILE A 713 -3.74 -19.70 43.18
C ILE A 713 -3.26 -18.37 43.73
N TYR A 714 -2.89 -17.45 42.84
CA TYR A 714 -2.47 -16.11 43.21
C TYR A 714 -3.53 -15.10 42.81
N LEU A 715 -3.73 -14.09 43.66
CA LEU A 715 -4.68 -13.03 43.39
C LEU A 715 -3.97 -11.69 43.50
N LEU A 716 -4.09 -10.86 42.46
CA LEU A 716 -3.50 -9.55 42.43
C LEU A 716 -4.57 -8.50 42.24
N LYS A 717 -4.58 -7.48 43.11
CA LYS A 717 -5.52 -6.38 42.99
C LYS A 717 -4.81 -5.06 42.70
N ASP A 718 -3.94 -4.62 43.58
CA ASP A 718 -3.15 -3.40 43.37
C ASP A 718 -1.79 -3.72 42.76
N GLY A 719 -1.78 -4.48 41.67
CA GLY A 719 -0.53 -4.92 41.06
C GLY A 719 0.17 -6.06 41.76
N GLU A 720 0.36 -5.95 43.08
CA GLU A 720 1.05 -6.98 43.83
C GLU A 720 0.11 -8.12 44.20
N ILE A 721 0.70 -9.25 44.57
CA ILE A 721 -0.06 -10.39 45.05
C ILE A 721 -0.41 -10.17 46.52
N VAL A 722 -1.70 -10.23 46.83
CA VAL A 722 -2.17 -10.02 48.20
C VAL A 722 -2.44 -11.33 48.92
N GLU A 723 -2.98 -12.33 48.22
CA GLU A 723 -3.27 -13.63 48.80
C GLU A 723 -2.80 -14.72 47.86
N SER A 724 -2.44 -15.86 48.44
CA SER A 724 -1.95 -17.00 47.68
C SER A 724 -2.32 -18.29 48.39
N GLY A 725 -2.24 -19.39 47.65
CA GLY A 725 -2.49 -20.71 48.19
C GLY A 725 -3.48 -21.48 47.35
N SER A 726 -3.87 -22.64 47.86
CA SER A 726 -4.87 -23.46 47.20
C SER A 726 -6.26 -22.86 47.44
N HIS A 727 -7.27 -23.51 46.84
CA HIS A 727 -8.63 -23.01 46.95
C HIS A 727 -9.14 -23.08 48.38
N THR A 728 -8.89 -24.20 49.06
CA THR A 728 -9.46 -24.39 50.39
C THR A 728 -8.92 -23.37 51.38
N GLU A 729 -7.61 -23.15 51.38
CA GLU A 729 -7.03 -22.17 52.29
C GLU A 729 -7.44 -20.75 51.93
N LEU A 730 -7.58 -20.46 50.64
CA LEU A 730 -8.06 -19.14 50.23
C LEU A 730 -9.48 -18.89 50.70
N ILE A 731 -10.34 -19.91 50.60
CA ILE A 731 -11.71 -19.77 51.10
C ILE A 731 -11.70 -19.60 52.61
N ALA A 732 -10.86 -20.36 53.31
CA ALA A 732 -10.74 -20.22 54.75
C ALA A 732 -9.83 -19.05 55.12
N LEU A 733 -10.09 -17.88 54.53
CA LEU A 733 -9.33 -16.67 54.85
C LEU A 733 -10.19 -15.43 55.03
N LYS A 734 -11.44 -15.43 54.59
CA LYS A 734 -12.32 -14.25 54.67
C LYS A 734 -11.64 -13.03 54.04
N GLY A 735 -11.07 -13.24 52.86
CA GLY A 735 -10.35 -12.18 52.17
C GLY A 735 -10.98 -11.79 50.84
N CYS A 736 -10.16 -11.20 49.96
CA CYS A 736 -10.67 -10.77 48.66
C CYS A 736 -11.17 -11.94 47.83
N TYR A 737 -10.44 -13.05 47.85
CA TYR A 737 -10.89 -14.24 47.12
C TYR A 737 -12.21 -14.75 47.67
N PHE A 738 -12.39 -14.68 49.00
CA PHE A 738 -13.67 -15.08 49.58
C PHE A 738 -14.80 -14.19 49.09
N LYS A 739 -14.56 -12.87 49.01
CA LYS A 739 -15.57 -11.97 48.48
C LYS A 739 -15.91 -12.30 47.03
N MET A 740 -14.89 -12.55 46.21
CA MET A 740 -15.14 -12.90 44.82
C MET A 740 -15.93 -14.19 44.71
N TRP A 741 -15.57 -15.20 45.52
CA TRP A 741 -16.26 -16.48 45.45
C TRP A 741 -17.71 -16.36 45.89
N LYS A 742 -17.97 -15.60 46.97
CA LYS A 742 -19.34 -15.45 47.43
C LYS A 742 -20.18 -14.59 46.49
N GLN A 743 -19.54 -13.65 45.79
CA GLN A 743 -20.28 -12.84 44.83
C GLN A 743 -20.57 -13.58 43.54
N THR A 744 -19.66 -14.46 43.10
CA THR A 744 -19.85 -15.18 41.85
C THR A 744 -20.51 -16.53 42.03
N GLU A 745 -20.87 -16.91 43.26
CA GLU A 745 -21.51 -18.19 43.51
C GLU A 745 -22.91 -18.24 42.90
N MET B 178 -15.08 0.98 -21.14
CA MET B 178 -16.13 0.76 -20.16
C MET B 178 -16.01 1.75 -19.01
N VAL B 179 -14.79 1.93 -18.51
CA VAL B 179 -14.52 2.86 -17.41
C VAL B 179 -14.25 4.21 -18.05
N LYS B 180 -15.31 5.00 -18.22
CA LYS B 180 -15.23 6.30 -18.87
C LYS B 180 -15.27 7.41 -17.82
N PHE B 181 -14.34 8.35 -17.92
CA PHE B 181 -14.23 9.46 -17.00
C PHE B 181 -15.10 10.64 -17.40
N ALA B 182 -15.89 10.50 -18.46
CA ALA B 182 -16.76 11.59 -18.90
C ALA B 182 -17.78 11.98 -17.83
N GLY B 183 -18.10 11.08 -16.91
CA GLY B 183 -18.98 11.44 -15.82
C GLY B 183 -18.40 12.52 -14.92
N PHE B 184 -17.10 12.44 -14.65
CA PHE B 184 -16.40 13.45 -13.89
C PHE B 184 -15.85 14.57 -14.76
N LEU B 185 -15.96 14.44 -16.08
CA LEU B 185 -15.46 15.43 -17.02
C LEU B 185 -16.56 16.27 -17.65
N LYS B 186 -17.78 15.75 -17.72
CA LYS B 186 -18.89 16.55 -18.23
C LYS B 186 -19.08 17.85 -17.46
N PRO B 187 -19.01 17.90 -16.12
CA PRO B 187 -19.07 19.21 -15.45
C PRO B 187 -17.94 20.15 -15.83
N LEU B 188 -16.77 19.62 -16.17
CA LEU B 188 -15.59 20.42 -16.48
C LEU B 188 -15.53 20.63 -17.99
N LYS B 189 -16.04 21.76 -18.45
CA LYS B 189 -16.02 22.11 -19.87
C LYS B 189 -15.29 23.42 -20.14
N LYS B 190 -15.48 24.43 -19.29
CA LYS B 190 -14.75 25.68 -19.46
C LYS B 190 -13.25 25.46 -19.33
N THR B 191 -12.84 24.63 -18.37
CA THR B 191 -11.42 24.33 -18.20
C THR B 191 -10.85 23.66 -19.44
N VAL B 192 -11.59 22.69 -20.01
CA VAL B 192 -11.09 21.98 -21.19
C VAL B 192 -11.01 22.92 -22.39
N LEU B 193 -12.01 23.79 -22.56
CA LEU B 193 -11.96 24.76 -23.65
C LEU B 193 -10.79 25.71 -23.50
N CYS B 194 -10.54 26.21 -22.27
CA CYS B 194 -9.41 27.10 -22.05
C CYS B 194 -8.10 26.39 -22.35
N ILE B 195 -7.97 25.13 -21.91
CA ILE B 195 -6.74 24.37 -22.17
C ILE B 195 -6.52 24.21 -23.66
N PHE B 196 -7.58 23.81 -24.39
CA PHE B 196 -7.43 23.58 -25.82
C PHE B 196 -7.08 24.86 -26.56
N LEU B 197 -7.72 25.98 -26.21
CA LEU B 197 -7.43 27.23 -26.89
C LEU B 197 -6.01 27.72 -26.58
N ALA B 198 -5.59 27.62 -25.32
CA ALA B 198 -4.23 27.99 -24.96
C ALA B 198 -3.22 27.11 -25.69
N SER B 199 -3.51 25.82 -25.82
CA SER B 199 -2.62 24.93 -26.54
C SER B 199 -2.57 25.29 -28.02
N LEU B 200 -3.70 25.70 -28.59
CA LEU B 200 -3.72 26.08 -30.00
C LEU B 200 -2.87 27.31 -30.24
N LEU B 201 -3.04 28.34 -29.41
CA LEU B 201 -2.18 29.52 -29.55
C LEU B 201 -0.72 29.17 -29.28
N TYR B 202 -0.47 28.24 -28.36
CA TYR B 202 0.91 27.85 -28.06
C TYR B 202 1.58 27.18 -29.25
N THR B 203 0.91 26.20 -29.87
CA THR B 203 1.51 25.54 -31.02
C THR B 203 1.61 26.48 -32.21
N ALA B 204 0.66 27.41 -32.37
CA ALA B 204 0.77 28.39 -33.44
C ALA B 204 1.99 29.28 -33.25
N LEU B 205 2.22 29.74 -32.01
CA LEU B 205 3.40 30.55 -31.77
C LEU B 205 4.68 29.74 -31.90
N GLY B 206 4.65 28.45 -31.57
CA GLY B 206 5.81 27.61 -31.79
C GLY B 206 6.16 27.44 -33.25
N ILE B 207 5.15 27.20 -34.08
CA ILE B 207 5.39 27.13 -35.52
C ILE B 207 5.89 28.47 -36.05
N ALA B 208 5.34 29.57 -35.55
CA ALA B 208 5.82 30.89 -35.97
C ALA B 208 7.28 31.10 -35.59
N GLY B 209 7.66 30.65 -34.39
CA GLY B 209 9.04 30.78 -33.97
C GLY B 209 9.99 29.82 -34.66
N SER B 210 9.45 28.75 -35.26
CA SER B 210 10.28 27.79 -35.98
C SER B 210 10.82 28.32 -37.31
N PHE B 211 10.61 29.60 -37.64
CA PHE B 211 11.17 30.21 -38.83
C PHE B 211 12.39 31.09 -38.52
N TYR B 212 12.87 31.06 -37.28
CA TYR B 212 13.97 31.94 -36.90
C TYR B 212 15.21 31.65 -37.72
N ILE B 213 15.57 30.36 -37.83
CA ILE B 213 16.81 30.02 -38.52
C ILE B 213 16.68 30.29 -40.02
N LYS B 214 15.47 30.11 -40.58
CA LYS B 214 15.25 30.49 -41.97
C LYS B 214 15.48 31.98 -42.18
N PHE B 215 14.97 32.79 -41.26
CA PHE B 215 15.27 34.23 -41.33
C PHE B 215 16.74 34.49 -41.11
N LEU B 216 17.42 33.60 -40.38
CA LEU B 216 18.79 33.84 -39.98
C LEU B 216 19.75 33.64 -41.14
N PHE B 217 19.80 32.43 -41.70
CA PHE B 217 20.84 32.14 -42.68
C PHE B 217 20.51 32.74 -44.05
N ASP B 218 19.35 32.41 -44.60
CA ASP B 218 19.02 32.80 -45.96
C ASP B 218 18.78 34.30 -46.12
N ASP B 219 18.53 35.03 -45.05
CA ASP B 219 18.21 36.44 -45.23
C ASP B 219 19.07 37.37 -44.40
N LEU B 220 19.43 36.99 -43.18
CA LEU B 220 20.20 37.86 -42.31
C LEU B 220 21.70 37.64 -42.42
N ILE B 221 22.12 36.42 -42.76
CA ILE B 221 23.54 36.10 -42.90
C ILE B 221 23.98 36.16 -44.37
N LYS B 222 23.19 35.57 -45.27
CA LYS B 222 23.57 35.55 -46.67
C LYS B 222 23.47 36.91 -47.34
N PHE B 223 22.88 37.90 -46.66
CA PHE B 223 22.83 39.27 -47.16
C PHE B 223 23.69 40.24 -46.35
N GLU B 224 24.31 39.76 -45.26
CA GLU B 224 25.17 40.58 -44.41
C GLU B 224 24.46 41.86 -43.96
N LYS B 225 23.42 41.67 -43.15
CA LYS B 225 22.66 42.79 -42.59
C LYS B 225 22.60 42.62 -41.07
N LEU B 226 23.21 43.55 -40.35
CA LEU B 226 23.14 43.59 -38.89
C LEU B 226 21.92 44.41 -38.48
N ASN B 227 21.84 44.75 -37.19
CA ASN B 227 20.75 45.55 -36.63
C ASN B 227 19.40 44.84 -36.80
N ASP B 228 19.00 44.62 -38.05
CA ASP B 228 17.79 43.83 -38.30
C ASP B 228 17.90 42.45 -37.66
N LEU B 229 19.11 41.89 -37.60
CA LEU B 229 19.31 40.65 -36.87
C LEU B 229 18.93 40.81 -35.40
N HIS B 230 19.36 41.90 -34.78
CA HIS B 230 19.02 42.14 -33.38
C HIS B 230 17.52 42.30 -33.20
N ILE B 231 16.88 43.03 -34.12
CA ILE B 231 15.44 43.26 -34.02
C ILE B 231 14.67 41.94 -34.12
N ILE B 232 15.06 41.10 -35.09
CA ILE B 232 14.38 39.83 -35.28
C ILE B 232 14.63 38.90 -34.10
N SER B 233 15.85 38.93 -33.55
CA SER B 233 16.14 38.11 -32.38
C SER B 233 15.29 38.53 -31.20
N ALA B 234 15.14 39.84 -30.98
CA ALA B 234 14.28 40.31 -29.89
C ALA B 234 12.83 39.90 -30.12
N GLY B 235 12.36 40.01 -31.38
CA GLY B 235 10.99 39.59 -31.67
C GLY B 235 10.76 38.13 -31.39
N PHE B 236 11.70 37.27 -31.77
CA PHE B 236 11.52 35.84 -31.51
C PHE B 236 11.67 35.52 -30.03
N ALA B 237 12.48 36.28 -29.30
CA ALA B 237 12.52 36.12 -27.85
C ALA B 237 11.16 36.44 -27.25
N VAL B 238 10.51 37.50 -27.73
CA VAL B 238 9.17 37.84 -27.26
C VAL B 238 8.19 36.72 -27.59
N ILE B 239 8.30 36.15 -28.80
CA ILE B 239 7.43 35.04 -29.19
C ILE B 239 7.60 33.87 -28.23
N PHE B 240 8.85 33.53 -27.90
CA PHE B 240 9.07 32.40 -27.01
C PHE B 240 8.58 32.68 -25.59
N LEU B 241 8.75 33.92 -25.13
CA LEU B 241 8.22 34.27 -23.82
C LEU B 241 6.70 34.11 -23.78
N LEU B 242 6.02 34.50 -24.86
CA LEU B 242 4.58 34.28 -24.92
C LEU B 242 4.26 32.79 -24.92
N GLN B 243 5.06 31.98 -25.62
CA GLN B 243 4.83 30.54 -25.59
C GLN B 243 4.92 29.99 -24.18
N ILE B 244 5.92 30.45 -23.42
CA ILE B 244 6.07 29.99 -22.03
C ILE B 244 4.88 30.46 -21.19
N PHE B 245 4.46 31.72 -21.37
CA PHE B 245 3.34 32.24 -20.61
C PHE B 245 2.06 31.45 -20.87
N LEU B 246 1.88 30.96 -22.09
CA LEU B 246 0.72 30.11 -22.38
C LEU B 246 0.88 28.71 -21.80
N ASN B 247 2.08 28.14 -21.90
CA ASN B 247 2.29 26.79 -21.37
C ASN B 247 2.10 26.75 -19.86
N TYR B 248 2.42 27.84 -19.16
CA TYR B 248 2.21 27.90 -17.72
C TYR B 248 0.74 27.68 -17.37
N TYR B 249 -0.15 28.46 -17.99
CA TYR B 249 -1.57 28.35 -17.70
C TYR B 249 -2.13 27.00 -18.14
N ARG B 250 -1.72 26.52 -19.32
CA ARG B 250 -2.24 25.23 -19.74
C ARG B 250 -1.82 24.11 -18.80
N SER B 251 -0.58 24.17 -18.26
CA SER B 251 -0.15 23.15 -17.31
C SER B 251 -0.94 23.24 -16.01
N ILE B 252 -1.17 24.46 -15.51
CA ILE B 252 -1.95 24.60 -14.28
C ILE B 252 -3.34 24.00 -14.44
N LEU B 253 -4.01 24.35 -15.53
CA LEU B 253 -5.37 23.85 -15.73
C LEU B 253 -5.39 22.35 -15.94
N VAL B 254 -4.41 21.80 -16.65
CA VAL B 254 -4.36 20.36 -16.86
C VAL B 254 -4.16 19.63 -15.54
N THR B 255 -3.28 20.13 -14.68
CA THR B 255 -3.07 19.44 -13.40
C THR B 255 -4.30 19.55 -12.50
N LYS B 256 -5.02 20.68 -12.55
CA LYS B 256 -6.26 20.78 -11.79
C LYS B 256 -7.28 19.74 -12.27
N LEU B 257 -7.43 19.61 -13.60
CA LEU B 257 -8.34 18.63 -14.15
C LEU B 257 -7.97 17.22 -13.73
N GLY B 258 -6.68 16.89 -13.79
CA GLY B 258 -6.24 15.56 -13.40
C GLY B 258 -6.51 15.26 -11.93
N MET B 259 -6.24 16.25 -11.05
CA MET B 259 -6.50 16.07 -9.63
C MET B 259 -7.97 15.80 -9.37
N SER B 260 -8.86 16.59 -9.99
CA SER B 260 -10.29 16.39 -9.77
C SER B 260 -10.74 15.02 -10.27
N ILE B 261 -10.27 14.62 -11.46
CA ILE B 261 -10.68 13.32 -12.00
C ILE B 261 -10.23 12.19 -11.09
N ASP B 262 -8.98 12.26 -10.60
CA ASP B 262 -8.47 11.22 -9.72
C ASP B 262 -9.29 11.12 -8.45
N LYS B 263 -9.58 12.26 -7.82
CA LYS B 263 -10.35 12.20 -6.57
C LYS B 263 -11.71 11.59 -6.81
N SER B 264 -12.36 11.96 -7.91
CA SER B 264 -13.70 11.44 -8.19
C SER B 264 -13.66 9.92 -8.37
N ILE B 265 -12.77 9.41 -9.21
CA ILE B 265 -12.75 7.96 -9.47
C ILE B 265 -12.36 7.21 -8.20
N MET B 266 -11.40 7.76 -7.43
CA MET B 266 -10.96 7.11 -6.22
C MET B 266 -12.09 6.99 -5.21
N MET B 267 -12.87 8.05 -5.02
CA MET B 267 -13.98 7.97 -4.09
C MET B 267 -15.08 7.05 -4.60
N GLU B 268 -15.31 7.00 -5.91
CA GLU B 268 -16.25 6.01 -6.44
C GLU B 268 -15.85 4.61 -6.00
N TYR B 269 -14.57 4.27 -6.20
CA TYR B 269 -14.10 2.93 -5.83
C TYR B 269 -14.25 2.69 -4.33
N TYR B 270 -13.88 3.66 -3.51
CA TYR B 270 -13.91 3.45 -2.07
C TYR B 270 -15.34 3.29 -1.55
N SER B 271 -16.27 4.12 -2.03
CA SER B 271 -17.65 3.97 -1.63
C SER B 271 -18.20 2.61 -2.05
N HIS B 272 -17.89 2.19 -3.28
CA HIS B 272 -18.37 0.89 -3.72
C HIS B 272 -17.82 -0.23 -2.86
N VAL B 273 -16.53 -0.16 -2.49
CA VAL B 273 -15.96 -1.25 -1.71
C VAL B 273 -16.56 -1.27 -0.30
N LEU B 274 -16.84 -0.10 0.28
CA LEU B 274 -17.48 -0.11 1.59
C LEU B 274 -18.92 -0.60 1.52
N LYS B 275 -19.57 -0.46 0.36
CA LYS B 275 -20.94 -0.95 0.21
C LYS B 275 -21.01 -2.40 -0.28
N LEU B 276 -19.87 -3.07 -0.44
CA LEU B 276 -19.86 -4.43 -0.96
C LEU B 276 -20.34 -5.42 0.09
N PRO B 277 -20.80 -6.62 -0.33
CA PRO B 277 -21.32 -7.59 0.65
C PRO B 277 -20.24 -8.17 1.54
N MET B 278 -20.59 -9.13 2.38
CA MET B 278 -19.63 -9.74 3.29
C MET B 278 -18.95 -10.96 2.70
N ASN B 279 -19.57 -11.62 1.73
CA ASN B 279 -18.91 -12.74 1.05
C ASN B 279 -17.62 -12.27 0.38
N PHE B 280 -17.66 -11.09 -0.24
CA PHE B 280 -16.47 -10.54 -0.88
C PHE B 280 -15.37 -10.32 0.15
N PHE B 281 -15.71 -9.77 1.31
CA PHE B 281 -14.70 -9.48 2.31
C PHE B 281 -14.17 -10.73 2.99
N ASN B 282 -14.96 -11.81 3.02
CA ASN B 282 -14.50 -13.07 3.58
C ASN B 282 -13.83 -13.97 2.55
N SER B 283 -13.89 -13.62 1.27
CA SER B 283 -13.23 -14.38 0.22
C SER B 283 -12.09 -13.58 -0.43
N ARG B 284 -11.63 -12.51 0.21
CA ARG B 284 -10.51 -11.74 -0.32
C ARG B 284 -9.50 -11.44 0.79
N LYS B 285 -8.50 -10.63 0.48
CA LYS B 285 -7.46 -10.27 1.42
C LYS B 285 -7.37 -8.75 1.54
N VAL B 286 -6.96 -8.27 2.71
CA VAL B 286 -6.81 -6.84 2.92
C VAL B 286 -5.76 -6.25 2.00
N GLY B 287 -4.80 -7.05 1.54
CA GLY B 287 -3.78 -6.53 0.65
C GLY B 287 -4.31 -6.14 -0.71
N GLU B 288 -5.26 -6.90 -1.25
CA GLU B 288 -5.73 -6.66 -2.61
C GLU B 288 -6.43 -5.31 -2.73
N ILE B 289 -7.30 -4.98 -1.77
CA ILE B 289 -8.01 -3.70 -1.81
C ILE B 289 -7.01 -2.54 -1.72
N ILE B 290 -6.05 -2.63 -0.82
CA ILE B 290 -5.07 -1.57 -0.66
C ILE B 290 -4.23 -1.42 -1.92
N SER B 291 -3.85 -2.54 -2.54
CA SER B 291 -3.05 -2.47 -3.75
C SER B 291 -3.84 -1.85 -4.90
N ARG B 292 -5.13 -2.16 -5.00
CA ARG B 292 -5.93 -1.56 -6.07
C ARG B 292 -6.13 -0.07 -5.83
N PHE B 293 -6.25 0.34 -4.57
CA PHE B 293 -6.33 1.76 -4.25
C PHE B 293 -5.03 2.47 -4.65
N MET B 294 -3.89 1.84 -4.37
CA MET B 294 -2.61 2.37 -4.81
C MET B 294 -2.52 2.42 -6.33
N ASP B 295 -3.13 1.46 -7.02
CA ASP B 295 -3.15 1.51 -8.48
C ASP B 295 -4.01 2.66 -8.99
N ALA B 296 -5.06 3.02 -8.24
CA ALA B 296 -5.79 4.25 -8.58
C ALA B 296 -4.89 5.48 -8.43
N SER B 297 -4.08 5.51 -7.36
CA SER B 297 -3.10 6.58 -7.22
C SER B 297 -2.13 6.59 -8.40
N LYS B 298 -1.77 5.40 -8.88
CA LYS B 298 -0.92 5.29 -10.07
C LYS B 298 -1.62 5.88 -11.30
N ILE B 299 -2.91 5.61 -11.45
CA ILE B 299 -3.70 6.24 -12.51
C ILE B 299 -3.56 7.75 -12.42
N ARG B 300 -3.66 8.29 -11.22
CA ARG B 300 -3.45 9.73 -11.03
C ARG B 300 -2.09 10.15 -11.57
N GLN B 301 -1.02 9.60 -10.99
CA GLN B 301 0.32 10.05 -11.33
C GLN B 301 0.65 9.78 -12.79
N ALA B 302 0.30 8.60 -13.29
CA ALA B 302 0.73 8.18 -14.61
C ALA B 302 0.20 9.05 -15.74
N ILE B 303 -1.11 9.03 -15.96
CA ILE B 303 -1.65 9.59 -17.19
C ILE B 303 -2.08 11.04 -16.99
N SER B 304 -2.95 11.30 -16.01
CA SER B 304 -3.54 12.63 -15.88
C SER B 304 -2.78 13.53 -14.91
N GLY B 305 -1.46 13.60 -15.04
CA GLY B 305 -0.74 14.60 -14.26
C GLY B 305 0.07 15.59 -15.06
N ALA B 306 0.72 15.12 -16.13
CA ALA B 306 1.47 16.02 -16.99
C ALA B 306 1.45 15.62 -18.47
N THR B 307 0.72 14.58 -18.86
CA THR B 307 0.85 14.01 -20.19
C THR B 307 -0.29 14.38 -21.12
N LEU B 308 -1.39 14.94 -20.61
CA LEU B 308 -2.45 15.41 -21.49
C LEU B 308 -1.99 16.58 -22.34
N THR B 309 -1.01 17.34 -21.86
CA THR B 309 -0.40 18.39 -22.67
C THR B 309 0.37 17.84 -23.85
N ILE B 310 0.66 16.54 -23.86
CA ILE B 310 1.37 15.92 -24.98
C ILE B 310 0.43 15.18 -25.92
N MET B 311 -0.67 14.62 -25.41
CA MET B 311 -1.63 13.97 -26.29
C MET B 311 -2.27 14.95 -27.26
N ILE B 312 -2.55 16.17 -26.79
CA ILE B 312 -3.07 17.21 -27.67
C ILE B 312 -2.03 17.55 -28.74
N ASP B 313 -0.75 17.56 -28.35
CA ASP B 313 0.30 17.91 -29.28
C ASP B 313 0.39 16.95 -30.45
N THR B 314 -0.22 15.77 -30.37
CA THR B 314 -0.28 14.89 -31.53
C THR B 314 -1.18 15.49 -32.62
N ILE B 315 -2.36 15.99 -32.23
CA ILE B 315 -3.21 16.66 -33.20
C ILE B 315 -2.56 17.96 -33.68
N MET B 316 -1.91 18.67 -32.75
CA MET B 316 -1.22 19.88 -33.16
C MET B 316 -0.07 19.55 -34.10
N ALA B 317 0.50 18.36 -33.97
CA ALA B 317 1.49 17.86 -34.91
C ALA B 317 0.86 17.51 -36.24
N VAL B 318 -0.40 17.07 -36.25
CA VAL B 318 -1.10 16.91 -37.52
C VAL B 318 -1.20 18.24 -38.24
N ILE B 319 -1.52 19.30 -37.49
CA ILE B 319 -1.57 20.64 -38.08
C ILE B 319 -0.20 21.04 -38.62
N GLY B 320 0.85 20.88 -37.80
CA GLY B 320 2.19 21.19 -38.24
C GLY B 320 2.63 20.36 -39.42
N GLY B 321 2.13 19.12 -39.52
CA GLY B 321 2.49 18.26 -40.63
C GLY B 321 1.84 18.69 -41.93
N ILE B 322 0.58 19.13 -41.87
CA ILE B 322 -0.03 19.65 -43.09
C ILE B 322 0.70 20.92 -43.53
N LEU B 323 1.15 21.73 -42.55
CA LEU B 323 1.97 22.88 -42.91
C LEU B 323 3.30 22.43 -43.52
N LEU B 324 3.88 21.36 -43.01
CA LEU B 324 5.12 20.83 -43.57
C LEU B 324 4.92 20.39 -45.01
N TYR B 325 3.80 19.72 -45.31
CA TYR B 325 3.51 19.35 -46.68
C TYR B 325 3.38 20.59 -47.56
N ILE B 326 2.79 21.66 -47.02
CA ILE B 326 2.75 22.92 -47.76
C ILE B 326 4.17 23.42 -48.03
N GLN B 327 5.05 23.33 -47.02
CA GLN B 327 6.41 23.86 -47.15
C GLN B 327 7.20 23.11 -48.20
N ASN B 328 7.23 21.79 -48.13
CA ASN B 328 8.02 20.98 -49.06
C ASN B 328 7.44 19.58 -49.09
N SER B 329 7.01 19.14 -50.27
CA SER B 329 6.35 17.85 -50.40
C SER B 329 7.31 16.67 -50.50
N SER B 330 8.60 16.92 -50.71
CA SER B 330 9.53 15.82 -50.89
C SER B 330 9.83 15.11 -49.58
N LEU B 331 10.05 15.87 -48.51
CA LEU B 331 10.40 15.30 -47.22
C LEU B 331 9.17 14.95 -46.37
N PHE B 332 7.99 15.44 -46.74
CA PHE B 332 6.79 15.04 -46.02
C PHE B 332 6.52 13.56 -46.19
N PHE B 333 6.88 12.99 -47.35
CA PHE B 333 6.75 11.55 -47.52
C PHE B 333 7.62 10.79 -46.53
N ILE B 334 8.86 11.25 -46.32
CA ILE B 334 9.74 10.59 -45.38
C ILE B 334 9.23 10.75 -43.95
N SER B 335 8.71 11.93 -43.62
CA SER B 335 8.13 12.13 -42.29
C SER B 335 6.93 11.23 -42.07
N PHE B 336 6.09 11.08 -43.10
CA PHE B 336 4.94 10.18 -43.00
C PHE B 336 5.40 8.74 -42.82
N ILE B 337 6.47 8.34 -43.51
CA ILE B 337 6.99 6.98 -43.36
C ILE B 337 7.51 6.77 -41.94
N ILE B 338 8.17 7.77 -41.37
CA ILE B 338 8.62 7.69 -39.98
C ILE B 338 7.43 7.51 -39.05
N ILE B 339 6.34 8.26 -39.30
CA ILE B 339 5.15 8.14 -38.47
C ILE B 339 4.55 6.74 -38.62
N LEU B 340 4.55 6.20 -39.82
CA LEU B 340 4.04 4.84 -40.03
C LEU B 340 4.87 3.82 -39.27
N LEU B 341 6.19 3.99 -39.26
CA LEU B 341 7.05 3.08 -38.49
C LEU B 341 6.75 3.18 -37.00
N TYR B 342 6.58 4.40 -36.49
CA TYR B 342 6.15 4.58 -35.11
C TYR B 342 4.85 3.84 -34.83
N GLY B 343 3.88 3.98 -35.72
CA GLY B 343 2.60 3.31 -35.51
C GLY B 343 2.72 1.81 -35.49
N ILE B 344 3.54 1.25 -36.39
CA ILE B 344 3.74 -0.19 -36.40
C ILE B 344 4.38 -0.66 -35.10
N ILE B 345 5.38 0.10 -34.62
CA ILE B 345 6.06 -0.27 -33.38
C ILE B 345 5.08 -0.28 -32.21
N VAL B 346 4.27 0.78 -32.09
CA VAL B 346 3.32 0.84 -30.98
C VAL B 346 2.28 -0.27 -31.11
N THR B 347 1.82 -0.54 -32.33
CA THR B 347 0.83 -1.60 -32.52
C THR B 347 1.38 -2.95 -32.10
N VAL B 348 2.63 -3.25 -32.45
CA VAL B 348 3.21 -4.54 -32.09
C VAL B 348 3.73 -4.61 -30.67
N PHE B 349 3.82 -3.48 -29.96
CA PHE B 349 4.28 -3.49 -28.59
C PHE B 349 3.20 -3.10 -27.58
N ASN B 350 1.95 -2.90 -28.01
CA ASN B 350 0.89 -2.57 -27.05
C ASN B 350 0.60 -3.74 -26.11
N LYS B 351 0.58 -4.96 -26.64
CA LYS B 351 0.11 -6.09 -25.83
C LYS B 351 1.12 -6.52 -24.77
N PRO B 352 2.39 -6.82 -25.11
CA PRO B 352 3.30 -7.32 -24.07
C PRO B 352 3.50 -6.36 -22.92
N ILE B 353 3.50 -5.04 -23.17
CA ILE B 353 3.62 -4.09 -22.09
C ILE B 353 2.42 -4.18 -21.16
N GLN B 354 1.22 -4.33 -21.74
CA GLN B 354 0.01 -4.49 -20.94
C GLN B 354 0.09 -5.74 -20.07
N ASN B 355 0.49 -6.87 -20.66
CA ASN B 355 0.56 -8.11 -19.89
C ASN B 355 1.63 -8.03 -18.79
N ALA B 356 2.78 -7.43 -19.09
CA ALA B 356 3.82 -7.28 -18.09
C ALA B 356 3.35 -6.40 -16.93
N ASN B 357 2.65 -5.31 -17.26
CA ASN B 357 2.11 -4.45 -16.21
C ASN B 357 1.10 -5.19 -15.36
N ARG B 358 0.23 -5.98 -15.98
CA ARG B 358 -0.75 -6.75 -15.22
C ARG B 358 -0.07 -7.73 -14.28
N GLN B 359 0.96 -8.43 -14.78
CA GLN B 359 1.65 -9.41 -13.95
C GLN B 359 2.39 -8.76 -12.80
N ILE B 360 3.07 -7.65 -13.05
CA ILE B 360 3.79 -6.99 -11.95
C ILE B 360 2.80 -6.45 -10.93
N MET B 361 1.63 -5.96 -11.37
CA MET B 361 0.65 -5.47 -10.42
C MET B 361 0.08 -6.61 -9.59
N GLU B 362 -0.19 -7.76 -10.21
CA GLU B 362 -0.69 -8.90 -9.46
C GLU B 362 0.33 -9.37 -8.42
N ASP B 363 1.60 -9.48 -8.82
CA ASP B 363 2.61 -9.95 -7.88
C ASP B 363 2.86 -8.96 -6.76
N ASN B 364 2.81 -7.67 -7.06
CA ASN B 364 2.94 -6.66 -6.01
C ASN B 364 1.75 -6.70 -5.07
N ALA B 365 0.56 -6.99 -5.60
CA ALA B 365 -0.61 -7.15 -4.74
C ALA B 365 -0.44 -8.35 -3.80
N LYS B 366 0.07 -9.46 -4.32
CA LYS B 366 0.29 -10.62 -3.46
C LYS B 366 1.32 -10.32 -2.38
N LEU B 367 2.40 -9.61 -2.75
CA LEU B 367 3.40 -9.22 -1.76
C LEU B 367 2.79 -8.32 -0.70
N THR B 368 1.94 -7.36 -1.12
CA THR B 368 1.30 -6.47 -0.16
C THR B 368 0.39 -7.25 0.78
N SER B 369 -0.34 -8.23 0.26
CA SER B 369 -1.20 -9.06 1.11
C SER B 369 -0.38 -9.80 2.15
N ALA B 370 0.71 -10.44 1.72
CA ALA B 370 1.55 -11.17 2.66
C ALA B 370 2.14 -10.25 3.71
N LEU B 371 2.61 -9.07 3.29
CA LEU B 371 3.23 -8.15 4.24
C LEU B 371 2.22 -7.61 5.24
N VAL B 372 1.01 -7.26 4.80
CA VAL B 372 0.01 -6.74 5.72
C VAL B 372 -0.43 -7.83 6.68
N GLU B 373 -0.52 -9.07 6.21
CA GLU B 373 -0.83 -10.17 7.13
C GLU B 373 0.26 -10.35 8.17
N SER B 374 1.52 -10.27 7.75
CA SER B 374 2.62 -10.49 8.69
C SER B 374 2.72 -9.38 9.73
N VAL B 375 2.69 -8.12 9.28
CA VAL B 375 2.84 -7.01 10.21
C VAL B 375 1.60 -6.86 11.09
N LYS B 376 0.41 -7.09 10.52
CA LYS B 376 -0.81 -6.98 11.30
C LYS B 376 -0.84 -7.97 12.44
N GLY B 377 -0.45 -9.22 12.16
CA GLY B 377 -0.56 -10.28 13.13
C GLY B 377 0.77 -10.81 13.63
N ILE B 378 1.71 -9.93 13.93
CA ILE B 378 3.02 -10.36 14.44
C ILE B 378 2.86 -10.49 15.96
N GLU B 379 2.24 -11.59 16.36
CA GLU B 379 2.23 -12.05 17.74
C GLU B 379 2.70 -13.49 17.73
N THR B 380 2.19 -14.24 16.75
CA THR B 380 2.51 -15.65 16.59
C THR B 380 3.88 -15.84 15.97
N ILE B 381 4.29 -14.93 15.09
CA ILE B 381 5.63 -14.99 14.51
C ILE B 381 6.68 -14.84 15.61
N LYS B 382 6.49 -13.88 16.52
CA LYS B 382 7.44 -13.68 17.59
C LYS B 382 7.33 -14.77 18.65
N SER B 383 6.10 -15.15 19.02
CA SER B 383 5.91 -16.09 20.12
C SER B 383 6.56 -17.43 19.81
N PHE B 384 6.22 -18.01 18.67
CA PHE B 384 6.80 -19.30 18.31
C PHE B 384 8.22 -19.15 17.78
N GLY B 385 8.51 -18.05 17.10
CA GLY B 385 9.78 -17.83 16.47
C GLY B 385 9.65 -18.15 15.00
N ALA B 386 9.40 -17.13 14.18
CA ALA B 386 9.15 -17.37 12.77
C ALA B 386 9.74 -16.29 11.87
N GLU B 387 10.57 -15.38 12.40
CA GLU B 387 11.13 -14.36 11.53
C GLU B 387 12.36 -14.91 10.81
N GLU B 388 12.22 -16.12 10.30
CA GLU B 388 13.05 -16.70 9.24
C GLU B 388 12.20 -17.36 8.16
N GLN B 389 11.12 -18.04 8.53
CA GLN B 389 10.25 -18.65 7.54
C GLN B 389 9.44 -17.59 6.80
N THR B 390 8.89 -16.63 7.53
CA THR B 390 8.20 -15.52 6.89
C THR B 390 9.16 -14.69 6.05
N GLU B 391 10.39 -14.52 6.52
CA GLU B 391 11.39 -13.80 5.74
C GLU B 391 11.69 -14.53 4.43
N LYS B 392 11.82 -15.86 4.48
CA LYS B 392 12.06 -16.63 3.27
C LYS B 392 10.88 -16.52 2.30
N SER B 393 9.66 -16.61 2.81
CA SER B 393 8.49 -16.50 1.94
C SER B 393 8.39 -15.12 1.31
N THR B 394 8.65 -14.07 2.10
CA THR B 394 8.64 -12.72 1.55
C THR B 394 9.75 -12.53 0.53
N ARG B 395 10.91 -13.17 0.76
CA ARG B 395 11.98 -13.11 -0.23
C ARG B 395 11.55 -13.76 -1.54
N ASP B 396 10.87 -14.89 -1.47
CA ASP B 396 10.39 -15.54 -2.69
C ASP B 396 9.38 -14.64 -3.41
N LYS B 397 8.47 -14.01 -2.67
CA LYS B 397 7.50 -13.13 -3.30
C LYS B 397 8.17 -11.91 -3.94
N ILE B 398 9.16 -11.33 -3.26
CA ILE B 398 9.90 -10.21 -3.83
C ILE B 398 10.66 -10.65 -5.07
N GLU B 399 11.23 -11.85 -5.06
CA GLU B 399 11.93 -12.35 -6.22
C GLU B 399 10.99 -12.48 -7.42
N THR B 400 9.76 -12.98 -7.19
CA THR B 400 8.79 -13.05 -8.27
C THR B 400 8.42 -11.66 -8.77
N VAL B 401 8.23 -10.71 -7.85
CA VAL B 401 7.89 -9.35 -8.23
C VAL B 401 8.96 -8.77 -9.14
N MET B 402 10.23 -8.93 -8.76
CA MET B 402 11.29 -8.36 -9.58
C MET B 402 11.53 -9.15 -10.86
N LYS B 403 11.19 -10.44 -10.90
CA LYS B 403 11.24 -11.16 -12.16
C LYS B 403 10.25 -10.56 -13.16
N SER B 404 9.02 -10.30 -12.72
CA SER B 404 8.06 -9.66 -13.60
C SER B 404 8.50 -8.24 -13.96
N SER B 405 9.12 -7.53 -13.01
CA SER B 405 9.66 -6.21 -13.29
C SER B 405 10.74 -6.26 -14.36
N PHE B 406 11.58 -7.30 -14.33
CA PHE B 406 12.61 -7.46 -15.35
C PHE B 406 12.01 -7.76 -16.71
N LYS B 407 10.94 -8.57 -16.76
CA LYS B 407 10.28 -8.80 -18.03
C LYS B 407 9.74 -7.49 -18.61
N GLU B 408 9.09 -6.69 -17.77
CA GLU B 408 8.62 -5.38 -18.22
C GLU B 408 9.77 -4.51 -18.67
N GLY B 409 10.90 -4.57 -17.95
CA GLY B 409 12.06 -3.77 -18.33
C GLY B 409 12.61 -4.15 -19.69
N MET B 410 12.67 -5.45 -19.98
CA MET B 410 13.14 -5.88 -21.30
C MET B 410 12.19 -5.43 -22.41
N LEU B 411 10.88 -5.54 -22.19
CA LEU B 411 9.96 -5.03 -23.20
C LEU B 411 10.12 -3.53 -23.40
N TYR B 412 10.30 -2.79 -22.31
CA TYR B 412 10.47 -1.34 -22.44
C TYR B 412 11.76 -0.99 -23.15
N ILE B 413 12.85 -1.72 -22.88
CA ILE B 413 14.11 -1.44 -23.56
C ILE B 413 14.02 -1.76 -25.03
N ASN B 414 13.34 -2.86 -25.39
CA ASN B 414 13.15 -3.16 -26.81
C ASN B 414 12.35 -2.05 -27.51
N LEU B 415 11.27 -1.59 -26.86
CA LEU B 415 10.50 -0.49 -27.41
C LEU B 415 11.37 0.75 -27.61
N SER B 416 12.13 1.12 -26.58
CA SER B 416 12.94 2.33 -26.65
C SER B 416 14.01 2.22 -27.72
N SER B 417 14.62 1.04 -27.86
CA SER B 417 15.65 0.87 -28.89
C SER B 417 15.05 0.98 -30.28
N LEU B 418 13.90 0.35 -30.53
CA LEU B 418 13.30 0.45 -31.85
C LEU B 418 12.91 1.90 -32.16
N THR B 419 12.31 2.59 -31.19
CA THR B 419 11.94 3.99 -31.40
C THR B 419 13.18 4.86 -31.63
N GLY B 420 14.25 4.61 -30.89
CA GLY B 420 15.46 5.40 -31.09
C GLY B 420 16.09 5.17 -32.45
N ILE B 421 16.15 3.91 -32.90
CA ILE B 421 16.65 3.64 -34.24
C ILE B 421 15.83 4.39 -35.27
N VAL B 422 14.50 4.26 -35.19
CA VAL B 422 13.65 4.90 -36.19
C VAL B 422 13.85 6.41 -36.18
N ALA B 423 13.84 7.02 -34.99
CA ALA B 423 13.95 8.47 -34.90
C ALA B 423 15.29 8.95 -35.44
N GLY B 424 16.40 8.40 -34.95
CA GLY B 424 17.71 8.89 -35.35
C GLY B 424 17.99 8.66 -36.82
N LEU B 425 17.72 7.45 -37.32
CA LEU B 425 18.00 7.17 -38.71
C LEU B 425 17.07 7.97 -39.62
N GLY B 426 15.82 8.20 -39.20
CA GLY B 426 14.94 9.04 -39.98
C GLY B 426 15.41 10.48 -40.02
N GLY B 427 15.93 10.99 -38.91
CA GLY B 427 16.48 12.35 -38.92
C GLY B 427 17.68 12.47 -39.86
N ILE B 428 18.55 11.47 -39.84
CA ILE B 428 19.70 11.51 -40.75
C ILE B 428 19.25 11.39 -42.20
N VAL B 429 18.22 10.58 -42.47
CA VAL B 429 17.71 10.48 -43.83
C VAL B 429 17.07 11.80 -44.26
N ILE B 430 16.39 12.49 -43.34
CA ILE B 430 15.83 13.80 -43.64
C ILE B 430 16.93 14.77 -44.02
N LEU B 431 18.01 14.81 -43.24
CA LEU B 431 19.11 15.71 -43.55
C LEU B 431 19.76 15.37 -44.88
N TRP B 432 19.98 14.08 -45.14
CA TRP B 432 20.59 13.67 -46.40
C TRP B 432 19.72 14.05 -47.59
N ALA B 433 18.42 13.73 -47.53
CA ALA B 433 17.53 14.06 -48.63
C ALA B 433 17.38 15.56 -48.81
N GLY B 434 17.43 16.31 -47.72
CA GLY B 434 17.36 17.76 -47.84
C GLY B 434 18.59 18.36 -48.49
N ALA B 435 19.77 17.84 -48.14
CA ALA B 435 20.97 18.28 -48.84
C ALA B 435 20.90 17.91 -50.32
N TYR B 436 20.37 16.73 -50.62
CA TYR B 436 20.19 16.35 -52.03
C TYR B 436 19.25 17.31 -52.75
N ASN B 437 18.15 17.69 -52.09
CA ASN B 437 17.23 18.65 -52.69
C ASN B 437 17.90 19.99 -52.92
N VAL B 438 18.68 20.45 -51.94
CA VAL B 438 19.34 21.75 -52.08
C VAL B 438 20.31 21.74 -53.24
N ILE B 439 21.09 20.66 -53.37
CA ILE B 439 22.05 20.60 -54.48
C ILE B 439 21.38 20.24 -55.80
N LYS B 440 20.19 19.64 -55.79
CA LYS B 440 19.55 19.12 -56.99
C LYS B 440 18.08 19.51 -57.04
N GLY B 441 17.78 20.79 -56.81
CA GLY B 441 16.41 21.26 -56.93
C GLY B 441 16.01 22.35 -55.97
N ASN B 442 14.89 22.15 -55.27
CA ASN B 442 14.44 23.12 -54.28
C ASN B 442 15.50 23.30 -53.20
N MET B 443 15.86 24.55 -52.94
CA MET B 443 17.10 24.82 -52.24
C MET B 443 16.96 25.82 -51.11
N SER B 444 18.11 26.32 -50.63
CA SER B 444 18.31 27.29 -49.55
C SER B 444 18.39 26.57 -48.21
N GLY B 445 18.96 27.24 -47.21
CA GLY B 445 19.13 26.63 -45.90
C GLY B 445 17.85 26.62 -45.09
N GLY B 446 16.98 27.60 -45.33
CA GLY B 446 15.73 27.69 -44.62
C GLY B 446 14.87 26.45 -44.80
N GLN B 447 14.80 25.95 -46.03
CA GLN B 447 13.96 24.79 -46.33
C GLN B 447 14.50 23.52 -45.68
N LEU B 448 15.66 23.61 -45.03
CA LEU B 448 16.14 22.49 -44.21
C LEU B 448 16.25 22.85 -42.74
N LEU B 449 16.92 23.96 -42.42
CA LEU B 449 17.11 24.30 -41.02
C LEU B 449 15.79 24.66 -40.36
N ALA B 450 14.92 25.40 -41.05
CA ALA B 450 13.59 25.64 -40.54
C ALA B 450 12.69 24.43 -40.68
N PHE B 451 12.95 23.58 -41.67
CA PHE B 451 12.16 22.36 -41.81
C PHE B 451 12.37 21.43 -40.63
N ASN B 452 13.60 21.34 -40.12
CA ASN B 452 13.87 20.52 -38.95
C ASN B 452 13.22 21.12 -37.70
N ALA B 453 13.25 22.45 -37.56
CA ALA B 453 12.59 23.08 -36.42
C ALA B 453 11.09 22.84 -36.46
N LEU B 454 10.49 22.89 -37.65
CA LEU B 454 9.08 22.54 -37.78
C LEU B 454 8.83 21.07 -37.49
N LEU B 455 9.73 20.19 -37.98
CA LEU B 455 9.60 18.76 -37.72
C LEU B 455 9.66 18.47 -36.22
N ALA B 456 10.31 19.35 -35.46
CA ALA B 456 10.24 19.25 -34.01
C ALA B 456 8.81 19.41 -33.50
N TYR B 457 7.92 19.98 -34.31
CA TYR B 457 6.51 20.08 -33.97
C TYR B 457 5.64 19.06 -34.72
N PHE B 458 6.26 18.08 -35.36
CA PHE B 458 5.52 17.02 -36.03
C PHE B 458 5.92 15.63 -35.56
N LEU B 459 7.21 15.40 -35.28
CA LEU B 459 7.69 14.10 -34.86
C LEU B 459 8.04 14.03 -33.38
N THR B 460 8.55 15.12 -32.81
CA THR B 460 8.91 15.09 -31.39
C THR B 460 7.72 14.82 -30.48
N PRO B 461 6.56 15.45 -30.63
CA PRO B 461 5.41 15.06 -29.80
C PRO B 461 5.01 13.60 -29.96
N VAL B 462 5.09 13.06 -31.17
CA VAL B 462 4.73 11.65 -31.38
C VAL B 462 5.72 10.75 -30.66
N LYS B 463 7.01 11.06 -30.76
CA LYS B 463 8.00 10.25 -30.05
C LYS B 463 7.85 10.36 -28.55
N ASN B 464 7.50 11.55 -28.05
CA ASN B 464 7.24 11.70 -26.62
C ASN B 464 6.03 10.86 -26.19
N LEU B 465 4.99 10.82 -27.02
CA LEU B 465 3.84 9.97 -26.72
C LEU B 465 4.23 8.50 -26.70
N ILE B 466 5.06 8.08 -27.65
CA ILE B 466 5.49 6.68 -27.67
C ILE B 466 6.33 6.36 -26.44
N ASP B 467 7.17 7.30 -26.01
CA ASP B 467 7.94 7.09 -24.80
C ASP B 467 7.04 7.02 -23.57
N LEU B 468 5.95 7.78 -23.55
CA LEU B 468 5.01 7.73 -22.45
C LEU B 468 4.06 6.54 -22.52
N GLN B 469 4.02 5.82 -23.64
CA GLN B 469 3.11 4.70 -23.78
C GLN B 469 3.16 3.68 -22.65
N PRO B 470 4.32 3.29 -22.11
CA PRO B 470 4.29 2.39 -20.94
C PRO B 470 3.50 2.94 -19.77
N LEU B 471 3.64 4.24 -19.48
CA LEU B 471 2.93 4.85 -18.38
C LEU B 471 1.42 4.84 -18.61
N ILE B 472 1.01 5.16 -19.84
CA ILE B 472 -0.41 5.15 -20.19
C ILE B 472 -0.97 3.74 -20.09
N GLN B 473 -0.20 2.74 -20.54
CA GLN B 473 -0.66 1.36 -20.43
C GLN B 473 -0.78 0.92 -18.98
N THR B 474 0.14 1.35 -18.13
CA THR B 474 0.04 1.05 -16.70
C THR B 474 -1.24 1.64 -16.12
N ALA B 475 -1.52 2.90 -16.46
CA ALA B 475 -2.74 3.53 -15.96
C ALA B 475 -3.99 2.82 -16.48
N VAL B 476 -3.96 2.37 -17.74
CA VAL B 476 -5.09 1.64 -18.29
C VAL B 476 -5.30 0.33 -17.56
N VAL B 477 -4.23 -0.39 -17.25
CA VAL B 477 -4.36 -1.65 -16.52
C VAL B 477 -4.93 -1.42 -15.12
N ALA B 478 -4.45 -0.38 -14.44
CA ALA B 478 -4.97 -0.08 -13.11
C ALA B 478 -6.46 0.27 -13.16
N SER B 479 -6.86 1.06 -14.16
CA SER B 479 -8.28 1.38 -14.31
C SER B 479 -9.09 0.14 -14.63
N ASN B 480 -8.51 -0.79 -15.40
CA ASN B 480 -9.20 -2.04 -15.68
C ASN B 480 -9.45 -2.83 -14.40
N ARG B 481 -8.45 -2.89 -13.51
CA ARG B 481 -8.64 -3.61 -12.25
C ARG B 481 -9.69 -2.94 -11.37
N LEU B 482 -9.65 -1.60 -11.28
CA LEU B 482 -10.67 -0.90 -10.52
C LEU B 482 -12.05 -1.14 -11.10
N GLY B 483 -12.18 -1.14 -12.42
CA GLY B 483 -13.46 -1.43 -13.04
C GLY B 483 -13.92 -2.85 -12.77
N GLU B 484 -12.99 -3.79 -12.70
CA GLU B 484 -13.34 -5.16 -12.36
C GLU B 484 -13.92 -5.24 -10.96
N ILE B 485 -13.36 -4.48 -10.02
CA ILE B 485 -13.96 -4.42 -8.69
C ILE B 485 -15.31 -3.72 -8.71
N LEU B 486 -15.43 -2.63 -9.48
CA LEU B 486 -16.60 -1.76 -9.38
C LEU B 486 -17.87 -2.44 -9.85
N GLU B 487 -17.78 -3.35 -10.82
CA GLU B 487 -18.98 -3.99 -11.33
C GLU B 487 -19.61 -4.96 -10.33
N LEU B 488 -18.92 -5.28 -9.24
CA LEU B 488 -19.47 -6.20 -8.25
C LEU B 488 -20.67 -5.58 -7.54
N ALA B 489 -21.73 -6.37 -7.40
CA ALA B 489 -22.98 -5.86 -6.84
C ALA B 489 -22.82 -5.54 -5.36
N THR B 490 -23.42 -4.44 -4.94
CA THR B 490 -23.42 -4.05 -3.54
C THR B 490 -24.43 -4.89 -2.77
N GLU B 491 -24.58 -4.58 -1.47
CA GLU B 491 -25.60 -5.24 -0.67
C GLU B 491 -26.99 -4.69 -0.95
N LYS B 492 -27.09 -3.39 -1.22
CA LYS B 492 -28.39 -2.79 -1.50
C LYS B 492 -28.91 -3.18 -2.87
N GLU B 493 -28.01 -3.38 -3.85
CA GLU B 493 -28.45 -3.78 -5.17
C GLU B 493 -29.15 -5.13 -5.13
N LEU B 494 -28.60 -6.08 -4.39
CA LEU B 494 -29.30 -7.32 -4.11
C LEU B 494 -30.30 -7.11 -2.98
N ARG B 495 -31.19 -8.09 -2.80
CA ARG B 495 -32.19 -8.05 -1.73
C ARG B 495 -33.06 -6.79 -1.86
N GLU B 496 -33.79 -6.71 -2.95
CA GLU B 496 -34.60 -5.54 -3.27
C GLU B 496 -35.97 -5.64 -2.61
N ASP B 497 -36.90 -4.79 -3.06
CA ASP B 497 -38.28 -4.78 -2.57
C ASP B 497 -38.34 -4.44 -1.09
N SER B 498 -37.78 -3.28 -0.73
CA SER B 498 -37.83 -2.81 0.64
C SER B 498 -39.27 -2.43 1.02
N ASP B 499 -39.48 -2.19 2.31
CA ASP B 499 -40.79 -1.84 2.83
C ASP B 499 -40.70 -0.57 3.66
N ASP B 500 -41.84 0.10 3.79
CA ASP B 500 -41.92 1.35 4.55
C ASP B 500 -42.85 1.27 5.75
N PHE B 501 -43.57 0.18 5.94
CA PHE B 501 -44.53 0.05 7.02
C PHE B 501 -43.94 -0.57 8.28
N VAL B 502 -42.65 -0.87 8.28
CA VAL B 502 -41.97 -1.43 9.45
C VAL B 502 -41.20 -0.32 10.13
N ILE B 503 -41.52 -0.06 11.40
CA ILE B 503 -40.91 1.04 12.14
C ILE B 503 -40.18 0.51 13.36
N SER B 504 -40.63 -0.62 13.88
CA SER B 504 -40.05 -1.22 15.07
C SER B 504 -39.83 -2.71 14.85
N LEU B 505 -38.95 -3.29 15.67
CA LEU B 505 -38.58 -4.69 15.57
C LEU B 505 -38.92 -5.45 16.85
N LYS B 506 -40.11 -5.21 17.38
CA LYS B 506 -40.58 -5.91 18.59
C LYS B 506 -41.53 -7.01 18.14
N GLY B 507 -40.97 -8.18 17.85
CA GLY B 507 -41.79 -9.28 17.35
C GLY B 507 -41.24 -10.66 17.63
N ASP B 508 -41.84 -11.67 16.99
CA ASP B 508 -41.49 -13.07 17.20
C ASP B 508 -40.63 -13.54 16.04
N ILE B 509 -39.37 -13.87 16.33
CA ILE B 509 -38.49 -14.42 15.30
C ILE B 509 -38.93 -15.84 15.00
N GLU B 510 -39.08 -16.14 13.71
CA GLU B 510 -39.80 -17.33 13.26
C GLU B 510 -39.05 -18.06 12.15
N PHE B 511 -37.78 -18.38 12.40
CA PHE B 511 -37.00 -19.21 11.48
C PHE B 511 -37.84 -20.36 10.95
N ARG B 512 -38.04 -20.38 9.63
CA ARG B 512 -38.90 -21.39 8.99
C ARG B 512 -38.10 -22.09 7.91
N ASN B 513 -37.75 -23.36 8.15
CA ASN B 513 -37.11 -24.22 7.16
C ASN B 513 -35.89 -23.54 6.54
N VAL B 514 -35.13 -22.84 7.37
CA VAL B 514 -34.02 -22.02 6.89
C VAL B 514 -32.80 -22.89 6.66
N ASP B 515 -32.19 -22.74 5.49
CA ASP B 515 -30.94 -23.40 5.17
C ASP B 515 -29.86 -22.36 4.92
N PHE B 516 -28.61 -22.73 5.20
CA PHE B 516 -27.49 -21.84 4.91
C PHE B 516 -26.27 -22.67 4.56
N ARG B 517 -25.38 -22.06 3.77
CA ARG B 517 -24.19 -22.76 3.30
C ARG B 517 -23.15 -21.71 2.95
N TYR B 518 -22.10 -21.60 3.77
CA TYR B 518 -21.01 -20.68 3.48
C TYR B 518 -20.32 -21.10 2.18
N GLY B 519 -20.48 -20.31 1.12
CA GLY B 519 -19.91 -20.65 -0.15
C GLY B 519 -20.45 -21.95 -0.71
N LEU B 520 -19.61 -22.99 -0.76
CA LEU B 520 -20.03 -24.28 -1.28
C LEU B 520 -19.46 -25.45 -0.48
N ARG B 521 -19.01 -25.22 0.76
CA ARG B 521 -18.34 -26.28 1.50
C ARG B 521 -19.32 -27.34 1.98
N LYS B 522 -20.25 -26.96 2.85
CA LYS B 522 -21.21 -27.90 3.42
C LYS B 522 -22.28 -27.12 4.17
N PRO B 523 -23.56 -27.50 4.04
CA PRO B 523 -24.61 -26.79 4.77
C PRO B 523 -24.42 -26.85 6.28
N VAL B 524 -24.18 -25.70 6.90
CA VAL B 524 -24.03 -25.63 8.35
C VAL B 524 -25.38 -25.60 9.05
N LEU B 525 -26.47 -25.40 8.31
CA LEU B 525 -27.81 -25.38 8.86
C LEU B 525 -28.73 -26.07 7.87
N LYS B 526 -29.80 -26.68 8.39
CA LYS B 526 -30.75 -27.39 7.53
C LYS B 526 -32.08 -27.53 8.24
N ASN B 527 -33.13 -26.95 7.67
CA ASN B 527 -34.50 -27.11 8.13
C ASN B 527 -34.63 -26.73 9.62
N ILE B 528 -34.00 -25.63 9.99
CA ILE B 528 -34.08 -25.15 11.37
C ILE B 528 -35.43 -24.47 11.58
N ASN B 529 -36.09 -24.83 12.69
CA ASN B 529 -37.41 -24.31 13.01
C ASN B 529 -37.39 -23.51 14.31
N LEU B 530 -36.36 -22.68 14.46
CA LEU B 530 -36.26 -21.78 15.60
C LEU B 530 -37.45 -20.84 15.65
N THR B 531 -38.07 -20.71 16.82
CA THR B 531 -39.33 -19.98 16.98
C THR B 531 -39.27 -19.10 18.23
N ILE B 532 -38.25 -18.26 18.33
CA ILE B 532 -38.07 -17.36 19.47
C ILE B 532 -39.32 -16.49 19.66
N PRO B 533 -39.86 -16.40 20.87
CA PRO B 533 -40.97 -15.48 21.13
C PRO B 533 -40.51 -14.07 21.41
N LYS B 534 -41.43 -13.18 21.79
CA LYS B 534 -41.14 -11.77 21.97
C LYS B 534 -40.68 -11.49 23.41
N GLY B 535 -39.62 -10.72 23.55
CA GLY B 535 -39.23 -10.18 24.84
C GLY B 535 -38.60 -11.15 25.81
N LYS B 536 -38.31 -12.37 25.37
CA LYS B 536 -37.74 -13.37 26.26
C LYS B 536 -36.22 -13.23 26.31
N THR B 537 -35.55 -14.20 26.93
CA THR B 537 -34.10 -14.20 27.08
C THR B 537 -33.57 -15.58 26.70
N VAL B 538 -33.98 -16.04 25.52
CA VAL B 538 -33.65 -17.39 25.08
C VAL B 538 -32.14 -17.53 24.87
N ALA B 539 -31.68 -18.79 24.87
CA ALA B 539 -30.28 -19.12 24.69
C ALA B 539 -30.13 -20.24 23.67
N ILE B 540 -29.03 -20.19 22.93
CA ILE B 540 -28.73 -21.16 21.88
C ILE B 540 -27.43 -21.86 22.26
N VAL B 541 -27.46 -23.20 22.30
CA VAL B 541 -26.31 -24.01 22.67
C VAL B 541 -26.16 -25.15 21.67
N GLY B 542 -24.99 -25.79 21.72
CA GLY B 542 -24.71 -26.89 20.83
C GLY B 542 -23.24 -27.26 20.91
N GLU B 543 -22.77 -27.97 19.87
CA GLU B 543 -21.38 -28.36 19.81
C GLU B 543 -20.51 -27.15 19.44
N SER B 544 -19.21 -27.39 19.29
CA SER B 544 -18.27 -26.31 18.98
C SER B 544 -18.38 -25.83 17.54
N GLY B 545 -19.13 -26.51 16.69
CA GLY B 545 -19.28 -26.09 15.31
C GLY B 545 -20.69 -26.22 14.80
N SER B 546 -21.66 -26.10 15.71
CA SER B 546 -23.07 -26.27 15.33
C SER B 546 -23.53 -25.17 14.39
N GLY B 547 -23.12 -23.93 14.64
CA GLY B 547 -23.55 -22.82 13.81
C GLY B 547 -24.31 -21.73 14.53
N LYS B 548 -24.02 -21.53 15.82
CA LYS B 548 -24.70 -20.49 16.58
C LYS B 548 -24.41 -19.11 16.02
N THR B 549 -23.14 -18.78 15.82
CA THR B 549 -22.81 -17.48 15.24
C THR B 549 -23.32 -17.37 13.82
N THR B 550 -23.45 -18.49 13.10
CA THR B 550 -24.09 -18.45 11.80
C THR B 550 -25.54 -18.01 11.91
N LEU B 551 -26.25 -18.51 12.93
CA LEU B 551 -27.61 -18.05 13.18
C LEU B 551 -27.66 -16.58 13.51
N ALA B 552 -26.71 -16.11 14.32
CA ALA B 552 -26.66 -14.69 14.66
C ALA B 552 -26.42 -13.83 13.43
N LYS B 553 -25.53 -14.27 12.53
CA LYS B 553 -25.29 -13.51 11.30
C LYS B 553 -26.50 -13.54 10.39
N LEU B 554 -27.19 -14.69 10.29
CA LEU B 554 -28.39 -14.77 9.47
C LEU B 554 -29.47 -13.82 9.98
N LEU B 555 -29.67 -13.78 11.29
CA LEU B 555 -30.67 -12.88 11.85
C LEU B 555 -30.27 -11.43 11.69
N MET B 556 -28.99 -11.11 11.93
CA MET B 556 -28.49 -9.76 11.70
C MET B 556 -28.44 -9.42 10.21
N ASN B 557 -28.60 -10.43 9.35
CA ASN B 557 -28.65 -10.25 7.90
C ASN B 557 -27.30 -9.75 7.38
N PHE B 558 -26.24 -10.46 7.74
CA PHE B 558 -24.92 -10.27 7.15
C PHE B 558 -24.73 -11.15 5.93
N TYR B 559 -25.37 -12.31 5.90
CA TYR B 559 -25.22 -13.27 4.82
C TYR B 559 -26.60 -13.64 4.27
N SER B 560 -26.59 -14.15 3.04
CA SER B 560 -27.82 -14.48 2.33
C SER B 560 -28.28 -15.88 2.70
N PRO B 561 -29.50 -16.03 3.20
CA PRO B 561 -30.00 -17.38 3.51
C PRO B 561 -30.32 -18.19 2.26
N GLU B 562 -30.94 -19.35 2.47
CA GLU B 562 -31.34 -20.22 1.37
C GLU B 562 -32.84 -20.43 1.52
N LYS B 563 -33.38 -21.41 0.79
CA LYS B 563 -34.81 -21.72 0.80
C LYS B 563 -35.40 -21.58 2.20
N GLY B 564 -36.50 -20.86 2.31
CA GLY B 564 -37.00 -20.38 3.58
C GLY B 564 -36.58 -18.95 3.83
N ASP B 565 -37.12 -18.39 4.91
CA ASP B 565 -36.83 -17.01 5.24
C ASP B 565 -37.03 -16.75 6.72
N ILE B 566 -36.51 -15.61 7.17
CA ILE B 566 -36.53 -15.21 8.57
C ILE B 566 -37.69 -14.23 8.76
N LEU B 567 -38.48 -14.44 9.80
CA LEU B 567 -39.62 -13.59 10.09
C LEU B 567 -39.36 -12.81 11.37
N ILE B 568 -39.73 -11.53 11.35
CA ILE B 568 -39.74 -10.70 12.55
C ILE B 568 -41.06 -9.93 12.58
N ASN B 569 -41.69 -9.88 13.75
CA ASN B 569 -42.97 -9.22 13.95
C ASN B 569 -44.08 -9.80 13.05
N GLY B 570 -43.85 -10.99 12.49
CA GLY B 570 -44.83 -11.66 11.65
C GLY B 570 -44.57 -11.55 10.16
N HIS B 571 -43.69 -10.65 9.73
CA HIS B 571 -43.39 -10.46 8.31
C HIS B 571 -41.95 -10.84 8.04
N SER B 572 -41.66 -11.13 6.78
CA SER B 572 -40.34 -11.60 6.38
C SER B 572 -39.29 -10.50 6.57
N ILE B 573 -38.06 -10.94 6.86
CA ILE B 573 -36.96 -9.99 7.02
C ILE B 573 -36.43 -9.53 5.66
N LYS B 574 -36.71 -10.28 4.60
CA LYS B 574 -36.16 -9.92 3.28
C LYS B 574 -36.65 -8.56 2.82
N ASN B 575 -37.84 -8.14 3.25
CA ASN B 575 -38.38 -6.84 2.88
C ASN B 575 -38.38 -5.95 4.12
N ILE B 576 -37.21 -5.40 4.43
CA ILE B 576 -37.02 -4.41 5.47
C ILE B 576 -35.79 -3.59 5.08
N SER B 577 -35.84 -2.29 5.35
CA SER B 577 -34.69 -1.44 5.10
C SER B 577 -33.50 -1.94 5.91
N LEU B 578 -32.38 -2.23 5.23
CA LEU B 578 -31.19 -2.71 5.92
C LEU B 578 -30.71 -1.70 6.95
N GLU B 579 -30.94 -0.41 6.72
CA GLU B 579 -30.61 0.59 7.72
C GLU B 579 -31.36 0.32 9.02
N LEU B 580 -32.65 0.00 8.91
CA LEU B 580 -33.44 -0.29 10.11
C LEU B 580 -32.93 -1.55 10.82
N ILE B 581 -32.58 -2.59 10.06
CA ILE B 581 -32.08 -3.82 10.67
C ILE B 581 -30.78 -3.56 11.40
N ARG B 582 -29.83 -2.90 10.74
CA ARG B 582 -28.54 -2.65 11.36
C ARG B 582 -28.64 -1.66 12.51
N LYS B 583 -29.65 -0.79 12.52
CA LYS B 583 -29.81 0.16 13.61
C LYS B 583 -30.73 -0.33 14.71
N LYS B 584 -31.36 -1.49 14.55
CA LYS B 584 -32.29 -2.00 15.54
C LYS B 584 -31.95 -3.39 16.07
N ILE B 585 -30.96 -4.07 15.49
CA ILE B 585 -30.47 -5.33 16.01
C ILE B 585 -29.00 -5.15 16.36
N ALA B 586 -28.65 -5.39 17.61
CA ALA B 586 -27.27 -5.24 18.08
C ALA B 586 -26.67 -6.63 18.27
N PHE B 587 -25.54 -6.87 17.63
CA PHE B 587 -24.82 -8.13 17.72
C PHE B 587 -23.51 -7.89 18.46
N VAL B 588 -23.29 -8.61 19.55
CA VAL B 588 -22.06 -8.54 20.32
C VAL B 588 -21.34 -9.85 20.11
N SER B 589 -20.37 -9.86 19.20
CA SER B 589 -19.59 -11.04 18.91
C SER B 589 -18.29 -11.01 19.71
N GLN B 590 -17.64 -12.17 19.76
CA GLN B 590 -16.39 -12.32 20.50
C GLN B 590 -15.17 -11.89 19.70
N ASP B 591 -15.33 -11.54 18.44
CA ASP B 591 -14.25 -10.94 17.64
C ASP B 591 -14.36 -9.41 17.66
N VAL B 592 -14.32 -8.87 18.88
CA VAL B 592 -14.51 -7.43 19.07
C VAL B 592 -13.43 -6.65 18.33
N PHE B 593 -13.85 -5.61 17.62
CA PHE B 593 -12.96 -4.75 16.86
C PHE B 593 -13.09 -3.31 17.33
N ILE B 594 -11.97 -2.63 17.51
CA ILE B 594 -11.93 -1.26 17.98
C ILE B 594 -11.21 -0.42 16.94
N PHE B 595 -11.64 0.83 16.80
CA PHE B 595 -11.12 1.73 15.79
C PHE B 595 -10.16 2.74 16.40
N SER B 596 -9.16 3.13 15.62
CA SER B 596 -8.12 4.04 16.09
C SER B 596 -8.63 5.46 16.24
N GLY B 597 -9.50 5.69 17.21
CA GLY B 597 -10.01 7.02 17.44
C GLY B 597 -10.29 7.31 18.90
N THR B 598 -11.05 8.38 19.14
CA THR B 598 -11.42 8.74 20.49
C THR B 598 -12.35 7.70 21.10
N VAL B 599 -12.28 7.54 22.42
CA VAL B 599 -13.15 6.58 23.11
C VAL B 599 -14.62 6.94 22.90
N LYS B 600 -14.95 8.24 23.03
CA LYS B 600 -16.32 8.67 22.74
C LYS B 600 -16.68 8.42 21.29
N GLU B 601 -15.75 8.68 20.37
CA GLU B 601 -15.97 8.37 18.96
C GLU B 601 -16.14 6.88 18.74
N ASN B 602 -15.40 6.05 19.48
CA ASN B 602 -15.59 4.61 19.38
C ASN B 602 -16.97 4.20 19.86
N LEU B 603 -17.44 4.80 20.95
CA LEU B 603 -18.75 4.44 21.50
C LEU B 603 -19.88 4.84 20.56
N CYS B 604 -19.79 6.03 19.98
CA CYS B 604 -20.83 6.53 19.07
C CYS B 604 -20.38 6.26 17.65
N LEU B 605 -20.69 5.07 17.16
CA LEU B 605 -20.38 4.68 15.79
C LEU B 605 -21.69 4.51 15.04
N GLY B 606 -21.99 5.45 14.14
CA GLY B 606 -23.24 5.41 13.42
C GLY B 606 -24.15 6.57 13.75
N ASN B 607 -24.15 6.99 15.02
CA ASN B 607 -24.96 8.12 15.49
C ASN B 607 -24.08 9.03 16.36
N GLU B 608 -23.39 9.97 15.71
CA GLU B 608 -22.49 10.87 16.40
C GLU B 608 -23.22 11.92 17.24
N ASN B 609 -24.46 12.24 16.89
CA ASN B 609 -25.20 13.29 17.59
C ASN B 609 -25.64 12.87 18.98
N VAL B 610 -25.61 11.57 19.29
CA VAL B 610 -26.08 11.09 20.59
C VAL B 610 -25.33 11.80 21.70
N ASP B 611 -26.09 12.37 22.63
CA ASP B 611 -25.53 13.18 23.71
C ASP B 611 -24.79 12.31 24.73
N MET B 612 -24.00 12.97 25.57
CA MET B 612 -23.19 12.27 26.55
C MET B 612 -24.03 11.56 27.60
N ASP B 613 -25.29 11.98 27.79
CA ASP B 613 -26.14 11.32 28.77
C ASP B 613 -26.40 9.86 28.39
N GLU B 614 -26.73 9.62 27.12
CA GLU B 614 -26.93 8.25 26.68
C GLU B 614 -25.62 7.46 26.67
N ILE B 615 -24.51 8.13 26.38
CA ILE B 615 -23.20 7.46 26.46
C ILE B 615 -22.97 6.95 27.88
N ILE B 616 -23.18 7.82 28.87
CA ILE B 616 -22.96 7.44 30.27
C ILE B 616 -23.93 6.34 30.67
N LYS B 617 -25.19 6.44 30.23
CA LYS B 617 -26.18 5.42 30.59
C LYS B 617 -25.79 4.06 30.02
N ALA B 618 -25.38 4.01 28.75
CA ALA B 618 -25.02 2.75 28.14
C ALA B 618 -23.73 2.19 28.72
N ALA B 619 -22.80 3.07 29.11
CA ALA B 619 -21.57 2.60 29.74
C ALA B 619 -21.85 2.01 31.12
N LYS B 620 -22.66 2.70 31.92
CA LYS B 620 -22.99 2.20 33.25
C LYS B 620 -23.76 0.90 33.18
N MET B 621 -24.69 0.79 32.23
CA MET B 621 -25.41 -0.46 32.05
C MET B 621 -24.51 -1.57 31.53
N ALA B 622 -23.36 -1.23 30.95
CA ALA B 622 -22.42 -2.22 30.44
C ALA B 622 -21.22 -2.43 31.34
N ASN B 623 -21.17 -1.79 32.51
CA ASN B 623 -20.08 -1.86 33.46
C ASN B 623 -18.76 -1.34 32.89
N ALA B 624 -18.79 -0.75 31.70
CA ALA B 624 -17.61 -0.18 31.08
C ALA B 624 -17.35 1.26 31.51
N HIS B 625 -18.21 1.82 32.37
CA HIS B 625 -18.02 3.20 32.78
C HIS B 625 -16.85 3.36 33.75
N ASP B 626 -16.59 2.36 34.59
CA ASP B 626 -15.56 2.49 35.60
C ASP B 626 -14.17 2.63 34.99
N PHE B 627 -13.80 1.71 34.09
CA PHE B 627 -12.45 1.75 33.53
C PHE B 627 -12.28 2.93 32.59
N ILE B 628 -13.35 3.34 31.91
CA ILE B 628 -13.29 4.57 31.10
C ILE B 628 -13.05 5.77 31.99
N GLU B 629 -13.75 5.83 33.13
CA GLU B 629 -13.56 6.94 34.07
C GLU B 629 -12.15 6.94 34.64
N LYS B 630 -11.53 5.76 34.80
CA LYS B 630 -10.17 5.67 35.32
C LYS B 630 -9.11 5.87 34.24
N LEU B 631 -9.51 6.06 32.98
CA LEU B 631 -8.55 6.36 31.94
C LEU B 631 -7.96 7.75 32.15
N PRO B 632 -6.75 8.00 31.63
CA PRO B 632 -6.12 9.31 31.88
C PRO B 632 -6.91 10.49 31.36
N LEU B 633 -7.64 10.32 30.26
CA LEU B 633 -8.40 11.41 29.65
C LEU B 633 -9.87 11.02 29.51
N LYS B 634 -10.39 10.26 30.47
CA LYS B 634 -11.81 9.92 30.58
C LYS B 634 -12.42 9.47 29.26
N TYR B 635 -13.67 9.88 29.00
CA TYR B 635 -14.44 9.39 27.87
C TYR B 635 -13.87 9.80 26.52
N ASP B 636 -12.96 10.77 26.49
CA ASP B 636 -12.41 11.22 25.21
C ASP B 636 -10.91 10.97 25.11
N THR B 637 -10.48 9.77 25.50
CA THR B 637 -9.11 9.32 25.35
C THR B 637 -8.91 8.71 23.96
N PHE B 638 -7.65 8.65 23.53
CA PHE B 638 -7.29 8.07 22.25
C PHE B 638 -6.99 6.59 22.40
N LEU B 639 -7.38 5.81 21.38
CA LEU B 639 -7.11 4.38 21.33
C LEU B 639 -6.34 4.06 20.05
N ASN B 640 -5.38 3.15 20.16
CA ASN B 640 -4.61 2.72 19.00
C ASN B 640 -5.42 1.71 18.20
N GLU B 641 -4.81 1.14 17.17
CA GLU B 641 -5.50 0.16 16.34
C GLU B 641 -5.81 -1.10 17.14
N SER B 642 -6.98 -1.66 16.85
CA SER B 642 -7.44 -2.90 17.50
C SER B 642 -7.48 -2.78 19.02
N GLY B 643 -7.57 -1.54 19.51
CA GLY B 643 -7.66 -1.30 20.93
C GLY B 643 -6.44 -1.79 21.70
N ALA B 644 -5.26 -1.58 21.14
CA ALA B 644 -4.03 -1.97 21.81
C ALA B 644 -3.80 -1.20 23.10
N ASN B 645 -4.49 -0.08 23.30
CA ASN B 645 -4.38 0.70 24.52
C ASN B 645 -5.27 0.17 25.63
N LEU B 646 -6.01 -0.91 25.39
CA LEU B 646 -6.94 -1.45 26.37
C LEU B 646 -6.78 -2.97 26.43
N SER B 647 -7.21 -3.54 27.55
CA SER B 647 -7.13 -4.96 27.79
C SER B 647 -8.18 -5.71 26.98
N GLU B 648 -7.98 -7.02 26.85
CA GLU B 648 -8.94 -7.83 26.11
C GLU B 648 -10.30 -7.83 26.79
N GLY B 649 -10.31 -7.93 28.12
CA GLY B 649 -11.58 -7.82 28.83
C GLY B 649 -12.17 -6.42 28.76
N GLN B 650 -11.32 -5.39 28.83
CA GLN B 650 -11.82 -4.03 28.78
C GLN B 650 -12.34 -3.66 27.39
N LYS B 651 -11.88 -4.36 26.35
CA LYS B 651 -12.34 -4.06 25.01
C LYS B 651 -13.74 -4.61 24.77
N GLN B 652 -14.04 -5.80 25.28
CA GLN B 652 -15.36 -6.38 25.05
C GLN B 652 -16.45 -5.60 25.76
N ARG B 653 -16.16 -5.03 26.93
CA ARG B 653 -17.14 -4.18 27.59
C ARG B 653 -17.42 -2.93 26.78
N LEU B 654 -16.43 -2.43 26.03
CA LEU B 654 -16.69 -1.34 25.10
C LEU B 654 -17.66 -1.78 24.01
N ALA B 655 -17.53 -3.01 23.53
CA ALA B 655 -18.47 -3.52 22.55
C ALA B 655 -19.88 -3.62 23.13
N ILE B 656 -19.99 -4.06 24.38
CA ILE B 656 -21.29 -4.13 25.04
C ILE B 656 -21.90 -2.74 25.14
N ALA B 657 -21.11 -1.76 25.58
CA ALA B 657 -21.62 -0.41 25.73
C ALA B 657 -22.01 0.20 24.38
N ARG B 658 -21.25 -0.11 23.34
CA ARG B 658 -21.57 0.39 22.01
C ARG B 658 -22.88 -0.20 21.50
N ALA B 659 -23.06 -1.51 21.67
CA ALA B 659 -24.32 -2.14 21.25
C ALA B 659 -25.49 -1.64 22.08
N LEU B 660 -25.24 -1.26 23.33
CA LEU B 660 -26.32 -0.66 24.14
C LEU B 660 -26.64 0.75 23.67
N LEU B 661 -25.63 1.50 23.24
CA LEU B 661 -25.87 2.81 22.66
C LEU B 661 -26.75 2.69 21.41
N LYS B 662 -26.43 1.73 20.55
CA LYS B 662 -27.28 1.44 19.39
C LYS B 662 -28.49 0.66 19.90
N LYS B 663 -29.45 1.42 20.46
CA LYS B 663 -30.59 0.86 21.20
C LYS B 663 -31.29 -0.21 20.38
N PRO B 664 -31.17 -1.47 20.77
CA PRO B 664 -31.65 -2.56 19.91
C PRO B 664 -33.04 -3.03 20.26
N ASP B 665 -33.51 -4.02 19.51
CA ASP B 665 -34.73 -4.76 19.82
C ASP B 665 -34.51 -6.26 19.88
N ILE B 666 -33.53 -6.79 19.16
CA ILE B 666 -33.27 -8.23 19.10
C ILE B 666 -31.83 -8.49 19.55
N LEU B 667 -31.35 -7.71 20.52
CA LEU B 667 -29.97 -7.76 21.01
C LEU B 667 -29.46 -9.18 21.16
N ILE B 668 -28.38 -9.49 20.44
CA ILE B 668 -27.74 -10.81 20.46
C ILE B 668 -26.39 -10.68 21.13
N LEU B 669 -26.13 -11.54 22.11
CA LEU B 669 -24.85 -11.53 22.81
C LEU B 669 -24.00 -12.72 22.40
N ASP B 694 -38.13 -3.98 27.21
CA ASP B 694 -38.58 -5.31 26.80
C ASP B 694 -38.00 -5.68 25.44
N VAL B 695 -36.69 -5.85 25.38
CA VAL B 695 -36.00 -6.19 24.14
C VAL B 695 -35.67 -7.67 24.16
N THR B 696 -35.91 -8.34 23.03
CA THR B 696 -35.57 -9.75 22.93
C THR B 696 -34.06 -9.94 23.03
N VAL B 697 -33.65 -10.87 23.88
CA VAL B 697 -32.23 -11.13 24.13
C VAL B 697 -31.93 -12.56 23.69
N ILE B 698 -30.99 -12.71 22.77
CA ILE B 698 -30.53 -14.01 22.31
C ILE B 698 -29.10 -14.17 22.78
N ILE B 699 -28.88 -15.11 23.70
CA ILE B 699 -27.57 -15.32 24.30
C ILE B 699 -26.96 -16.56 23.69
N ILE B 700 -25.80 -16.41 23.07
CA ILE B 700 -25.01 -17.54 22.59
C ILE B 700 -23.88 -17.76 23.59
N ALA B 701 -23.90 -18.91 24.25
CA ALA B 701 -22.93 -19.23 25.28
C ALA B 701 -22.47 -20.67 25.12
N HIS B 702 -21.19 -20.90 25.38
CA HIS B 702 -20.61 -22.23 25.28
C HIS B 702 -20.65 -22.99 26.60
N ARG B 703 -21.05 -22.34 27.69
CA ARG B 703 -21.18 -23.00 28.97
C ARG B 703 -22.62 -23.45 29.19
N LEU B 704 -22.89 -24.05 30.34
CA LEU B 704 -24.23 -24.50 30.68
C LEU B 704 -24.68 -24.06 32.06
N SER B 705 -23.89 -23.26 32.77
CA SER B 705 -24.27 -22.76 34.08
C SER B 705 -24.80 -21.34 34.05
N THR B 706 -24.44 -20.56 33.03
CA THR B 706 -24.95 -19.19 32.90
C THR B 706 -26.39 -19.16 32.41
N ILE B 707 -26.79 -20.15 31.61
CA ILE B 707 -28.08 -20.12 30.94
C ILE B 707 -29.13 -20.93 31.70
N VAL B 708 -28.88 -21.23 32.98
CA VAL B 708 -29.86 -21.98 33.76
C VAL B 708 -31.09 -21.13 34.06
N ASN B 709 -30.98 -19.81 33.95
CA ASN B 709 -32.09 -18.90 34.23
C ASN B 709 -32.77 -18.37 32.98
N CYS B 710 -32.41 -18.89 31.81
CA CYS B 710 -33.02 -18.43 30.57
C CYS B 710 -34.46 -18.93 30.45
N ASP B 711 -35.30 -18.12 29.82
CA ASP B 711 -36.70 -18.49 29.65
C ASP B 711 -36.85 -19.72 28.77
N LYS B 712 -36.08 -19.79 27.69
CA LYS B 712 -36.08 -20.95 26.80
C LYS B 712 -34.66 -21.22 26.34
N ILE B 713 -34.38 -22.47 26.02
CA ILE B 713 -33.06 -22.90 25.58
C ILE B 713 -33.21 -23.75 24.33
N TYR B 714 -32.50 -23.39 23.27
CA TYR B 714 -32.52 -24.13 22.01
C TYR B 714 -31.21 -24.89 21.85
N LEU B 715 -31.30 -26.14 21.44
CA LEU B 715 -30.16 -27.02 21.31
C LEU B 715 -29.91 -27.28 19.83
N LEU B 716 -29.03 -26.47 19.24
CA LEU B 716 -28.63 -26.65 17.85
C LEU B 716 -27.51 -27.67 17.79
N LYS B 717 -27.81 -28.87 17.30
CA LYS B 717 -26.85 -29.96 17.32
C LYS B 717 -26.41 -30.40 15.92
N ASP B 718 -27.35 -30.77 15.07
CA ASP B 718 -27.04 -31.37 13.77
C ASP B 718 -27.66 -30.54 12.64
N GLY B 719 -27.53 -29.21 12.73
CA GLY B 719 -28.11 -28.31 11.75
C GLY B 719 -29.49 -27.81 12.13
N GLU B 720 -30.33 -28.69 12.66
CA GLU B 720 -31.67 -28.34 13.10
C GLU B 720 -31.67 -28.15 14.62
N ILE B 721 -32.85 -27.95 15.18
CA ILE B 721 -33.04 -27.83 16.62
C ILE B 721 -33.72 -29.11 17.08
N VAL B 722 -33.00 -29.92 17.86
CA VAL B 722 -33.53 -31.22 18.29
C VAL B 722 -34.39 -31.08 19.53
N GLU B 723 -33.99 -30.25 20.49
CA GLU B 723 -34.72 -30.07 21.74
C GLU B 723 -34.80 -28.59 22.08
N SER B 724 -35.85 -28.23 22.81
CA SER B 724 -36.05 -26.84 23.22
C SER B 724 -36.92 -26.82 24.47
N GLY B 725 -36.90 -25.68 25.15
CA GLY B 725 -37.70 -25.47 26.33
C GLY B 725 -36.89 -24.81 27.42
N SER B 726 -37.50 -24.69 28.60
CA SER B 726 -36.82 -24.15 29.75
C SER B 726 -35.80 -25.16 30.30
N HIS B 727 -34.98 -24.69 31.24
CA HIS B 727 -33.89 -25.52 31.74
C HIS B 727 -34.41 -26.78 32.43
N THR B 728 -35.43 -26.63 33.30
CA THR B 728 -35.90 -27.77 34.09
C THR B 728 -36.53 -28.84 33.20
N GLU B 729 -37.42 -28.43 32.30
CA GLU B 729 -38.04 -29.39 31.39
C GLU B 729 -37.02 -30.00 30.43
N LEU B 730 -35.96 -29.25 30.11
CA LEU B 730 -34.95 -29.77 29.20
C LEU B 730 -34.05 -30.78 29.90
N ILE B 731 -33.77 -30.58 31.18
CA ILE B 731 -33.12 -31.61 31.98
C ILE B 731 -34.02 -32.84 32.08
N ALA B 732 -35.32 -32.62 32.29
CA ALA B 732 -36.25 -33.74 32.36
C ALA B 732 -36.63 -34.21 30.96
N LEU B 733 -35.63 -34.51 30.14
CA LEU B 733 -35.87 -34.99 28.79
C LEU B 733 -34.96 -36.13 28.38
N LYS B 734 -34.01 -36.54 29.22
CA LYS B 734 -33.04 -37.60 28.94
C LYS B 734 -32.56 -37.58 27.49
N GLY B 735 -32.09 -36.41 27.08
CA GLY B 735 -31.67 -36.17 25.71
C GLY B 735 -30.22 -35.70 25.65
N CYS B 736 -29.91 -35.03 24.54
CA CYS B 736 -28.55 -34.54 24.33
C CYS B 736 -28.16 -33.49 25.35
N TYR B 737 -29.10 -32.61 25.72
CA TYR B 737 -28.80 -31.65 26.78
C TYR B 737 -28.56 -32.35 28.11
N PHE B 738 -29.26 -33.47 28.35
CA PHE B 738 -29.04 -34.21 29.59
C PHE B 738 -27.61 -34.75 29.65
N LYS B 739 -27.14 -35.36 28.56
CA LYS B 739 -25.77 -35.89 28.57
C LYS B 739 -24.75 -34.76 28.63
N MET B 740 -25.03 -33.63 27.98
CA MET B 740 -24.14 -32.48 28.10
C MET B 740 -24.04 -32.00 29.53
N TRP B 741 -25.19 -31.90 30.22
CA TRP B 741 -25.19 -31.44 31.60
C TRP B 741 -24.48 -32.41 32.53
N LYS B 742 -24.70 -33.71 32.33
CA LYS B 742 -24.05 -34.68 33.21
C LYS B 742 -22.56 -34.80 32.94
N GLN B 743 -22.14 -34.54 31.69
CA GLN B 743 -20.71 -34.55 31.38
C GLN B 743 -20.01 -33.30 31.86
N THR B 744 -20.68 -32.15 31.85
CA THR B 744 -20.08 -30.91 32.31
C THR B 744 -20.23 -30.68 33.81
N GLU B 745 -20.92 -31.58 34.51
CA GLU B 745 -21.11 -31.44 35.94
C GLU B 745 -19.85 -31.81 36.71
PG ATP C . -7.94 -9.17 31.20
O1G ATP C . -9.17 -8.39 30.89
O2G ATP C . -7.45 -10.05 30.04
O3G ATP C . -8.06 -10.04 32.45
PB ATP C . -5.64 -7.93 32.62
O1B ATP C . -6.26 -7.75 33.96
O2B ATP C . -4.60 -9.04 32.53
O3B ATP C . -6.72 -8.20 31.50
PA ATP C . -3.84 -6.20 31.06
O1A ATP C . -4.27 -6.49 29.67
O2A ATP C . -2.56 -6.92 31.48
O3A ATP C . -4.95 -6.59 32.11
O5' ATP C . -3.66 -4.66 31.32
C5' ATP C . -4.28 -4.01 32.45
C4' ATP C . -3.80 -2.58 32.52
O4' ATP C . -2.74 -2.38 31.56
C3' ATP C . -4.86 -1.54 32.20
O3' ATP C . -4.60 -0.32 32.91
C2' ATP C . -4.68 -1.35 30.69
O2' ATP C . -5.10 -0.06 30.27
C1' ATP C . -3.16 -1.49 30.55
N9 ATP C . -2.73 -2.01 29.26
C8 ATP C . -2.95 -3.28 28.76
N7 ATP C . -2.43 -3.48 27.58
C5 ATP C . -1.82 -2.27 27.27
C6 ATP C . -1.09 -1.83 26.15
N6 ATP C . -0.85 -2.59 25.08
N1 ATP C . -0.63 -0.56 26.16
C2 ATP C . -0.88 0.20 27.23
N3 ATP C . -1.55 -0.10 28.33
C4 ATP C . -2.00 -1.36 28.30
PG ATP D . -18.15 -21.88 18.17
O1G ATP D . -18.31 -20.46 18.58
O2G ATP D . -18.56 -22.88 19.25
O3G ATP D . -16.75 -22.24 17.67
PB ATP D . -20.33 -21.60 16.16
O1B ATP D . -21.61 -22.21 16.57
O2B ATP D . -20.22 -20.09 16.32
O3B ATP D . -19.10 -22.21 16.94
PA ATP D . -19.90 -21.15 13.28
O1A ATP D . -19.04 -19.96 13.36
O2A ATP D . -21.33 -20.86 12.86
O3A ATP D . -19.96 -21.94 14.66
O5' ATP D . -19.32 -22.24 12.29
C5' ATP D . -20.09 -22.73 11.18
C4' ATP D . -19.38 -23.88 10.50
O4' ATP D . -18.95 -23.48 9.20
C3' ATP D . -18.12 -24.39 11.19
O3' ATP D . -17.88 -25.74 10.83
C2' ATP D . -17.04 -23.45 10.63
O2' ATP D . -15.78 -24.12 10.52
C1' ATP D . -17.58 -23.09 9.24
N9 ATP D . -17.51 -21.66 8.94
C8 ATP D . -17.70 -20.63 9.81
N7 ATP D . -17.57 -19.44 9.26
C5 ATP D . -17.27 -19.71 7.94
C6 ATP D . -17.02 -18.89 6.83
N6 ATP D . -17.02 -17.56 6.88
N1 ATP D . -16.74 -19.50 5.65
C2 ATP D . -16.74 -20.83 5.60
N3 ATP D . -16.97 -21.71 6.58
C4 ATP D . -17.23 -21.09 7.72
#